data_6M06
#
_entry.id   6M06
#
_cell.length_a   116.014
_cell.length_b   83.220
_cell.length_c   96.581
_cell.angle_alpha   90.000
_cell.angle_beta   115.040
_cell.angle_gamma   90.000
#
_symmetry.space_group_name_H-M   'C 1 2 1'
#
loop_
_entity.id
_entity.type
_entity.pdbx_description
1 polymer 'Platelet-activating factor acetylhydrolase'
2 non-polymer '(2S)-2-[(Z)-1,3-bis(oxidanyl)-3-oxidanylidene-prop-1-enyl]pyrrolidine-1-carboxylic acid'
3 water water
#
_entity_poly.entity_id   1
_entity_poly.type   'polypeptide(L)'
_entity_poly.pdbx_seq_one_letter_code
;TKIPRGNGPYSVGCTDLMFDHTNKGTFLRLYYPSQDNDRLDTLWIPNKEYFWGLSKFLGTHWLMGNILRLLFGSMTTPAN
WNSPLRPGEKYPLVVFSHGLGAFRTLYSAIGIDLASHGFIVAAVEHRDRSASATYYFKDQSAAEIGDKSWLYLRTLKQEE
ETHIRNEQVRQRAKECSQALSLILDIDHGKPVKNALDLKFDMEQLKDSIDREKIAVIGHSFGGATVIQTLSEDQRFRCGI
ALDAWMFPLGDEVYSRIPQPLFFINSEYFQYPANIIKMKKCYSPDKERKMITIRGSVHQNFADFTFATGKIIGHMLKLKG
DIDSNVAIDLSNKASLAFLQKHLGLHKDFDQWDCLIEGDDENLIPGTNINT
;
_entity_poly.pdbx_strand_id   A,B
#
# COMPACT_ATOMS: atom_id res chain seq x y z
N THR A 1 -29.32 22.48 -2.32
CA THR A 1 -30.10 23.56 -1.56
C THR A 1 -30.78 22.92 -0.32
N LYS A 2 -31.38 21.75 -0.49
CA LYS A 2 -31.87 20.93 0.64
C LYS A 2 -30.87 19.84 1.00
N ILE A 3 -29.76 19.67 0.26
CA ILE A 3 -28.65 18.81 0.75
C ILE A 3 -28.05 19.47 1.98
N PRO A 4 -27.97 18.79 3.13
CA PRO A 4 -27.61 19.47 4.36
C PRO A 4 -26.13 19.89 4.42
N ARG A 5 -25.89 21.01 5.06
CA ARG A 5 -24.53 21.44 5.40
C ARG A 5 -23.86 20.44 6.37
N GLY A 6 -22.54 20.33 6.28
CA GLY A 6 -21.79 19.52 7.25
C GLY A 6 -22.07 20.01 8.65
N ASN A 7 -22.15 19.11 9.62
CA ASN A 7 -22.42 19.46 11.04
C ASN A 7 -21.12 19.77 11.80
N GLY A 8 -19.95 19.52 11.23
CA GLY A 8 -18.67 19.67 11.93
C GLY A 8 -18.23 21.13 11.93
N PRO A 9 -17.14 21.44 12.65
CA PRO A 9 -16.67 22.81 12.80
C PRO A 9 -15.77 23.28 11.65
N TYR A 10 -15.37 22.40 10.74
CA TYR A 10 -14.52 22.86 9.63
C TYR A 10 -15.42 23.34 8.52
N SER A 11 -15.00 24.38 7.82
CA SER A 11 -15.73 24.76 6.59
C SER A 11 -15.29 23.80 5.49
N VAL A 12 -16.12 23.64 4.46
CA VAL A 12 -15.85 22.55 3.47
C VAL A 12 -15.66 23.09 2.06
N GLY A 13 -14.63 22.60 1.41
CA GLY A 13 -14.37 22.93 -0.01
C GLY A 13 -14.61 21.72 -0.88
N CYS A 14 -14.68 21.91 -2.18
CA CYS A 14 -14.82 20.79 -3.11
C CYS A 14 -14.15 21.12 -4.44
N THR A 15 -13.48 20.12 -5.02
CA THR A 15 -12.94 20.24 -6.40
C THR A 15 -12.99 18.86 -7.03
N ASP A 16 -12.56 18.79 -8.29
CA ASP A 16 -12.47 17.54 -9.05
C ASP A 16 -11.02 17.31 -9.48
N LEU A 17 -10.63 16.04 -9.55
CA LEU A 17 -9.26 15.64 -9.94
C LEU A 17 -9.38 14.46 -10.88
N MET A 18 -8.82 14.60 -12.07
CA MET A 18 -8.67 13.47 -13.00
C MET A 18 -7.19 13.33 -13.40
N PHE A 19 -6.59 12.17 -13.11
CA PHE A 19 -5.19 11.88 -13.48
C PHE A 19 -4.94 10.38 -13.44
N ASP A 20 -4.40 9.84 -14.55
CA ASP A 20 -4.14 10.57 -15.79
C ASP A 20 -5.46 10.86 -16.56
N HIS A 21 -5.36 11.37 -17.78
CA HIS A 21 -6.53 11.85 -18.56
C HIS A 21 -7.31 10.66 -19.16
N THR A 22 -6.76 9.44 -19.10
CA THR A 22 -7.27 8.31 -19.91
C THR A 22 -8.39 7.54 -19.19
N ASN A 23 -8.98 6.59 -19.87
CA ASN A 23 -10.08 5.75 -19.32
C ASN A 23 -9.55 4.83 -18.22
N LYS A 24 -8.23 4.67 -18.12
CA LYS A 24 -7.57 3.86 -17.06
C LYS A 24 -7.05 4.76 -15.93
N GLY A 25 -7.15 6.08 -16.09
CA GLY A 25 -6.78 7.00 -15.00
C GLY A 25 -7.79 7.01 -13.88
N THR A 26 -7.49 7.81 -12.87
CA THR A 26 -8.36 8.04 -11.70
C THR A 26 -9.18 9.31 -11.92
N PHE A 27 -10.48 9.22 -11.62
CA PHE A 27 -11.41 10.38 -11.58
C PHE A 27 -12.06 10.41 -10.21
N LEU A 28 -11.91 11.51 -9.49
CA LEU A 28 -12.54 11.63 -8.15
C LEU A 28 -13.02 13.06 -7.91
N ARG A 29 -14.00 13.20 -7.03
CA ARG A 29 -14.43 14.48 -6.47
C ARG A 29 -13.88 14.55 -5.03
N LEU A 30 -13.17 15.61 -4.72
CA LEU A 30 -12.55 15.81 -3.40
C LEU A 30 -13.45 16.76 -2.58
N TYR A 31 -13.81 16.33 -1.37
CA TYR A 31 -14.35 17.19 -0.31
C TYR A 31 -13.30 17.29 0.78
N TYR A 32 -13.08 18.50 1.28
CA TYR A 32 -11.92 18.78 2.15
C TYR A 32 -12.22 19.98 3.05
N PRO A 33 -11.50 20.09 4.18
CA PRO A 33 -11.58 21.29 5.00
C PRO A 33 -10.99 22.50 4.26
N SER A 34 -11.81 23.52 4.08
CA SER A 34 -11.38 24.76 3.38
C SER A 34 -10.87 25.77 4.39
N GLN A 35 -9.93 26.60 3.98
CA GLN A 35 -9.36 27.63 4.86
C GLN A 35 -10.47 28.63 5.17
N ASP A 36 -11.23 28.99 4.15
CA ASP A 36 -12.29 30.02 4.18
C ASP A 36 -13.65 29.45 3.75
N ASN A 37 -14.74 30.14 4.11
CA ASN A 37 -16.15 29.67 3.89
C ASN A 37 -16.95 30.72 3.09
N ASP A 38 -16.54 31.00 1.86
CA ASP A 38 -17.00 32.21 1.11
C ASP A 38 -18.38 32.02 0.48
N ARG A 39 -18.70 30.87 -0.12
CA ARG A 39 -20.03 30.65 -0.75
C ARG A 39 -20.23 29.15 -1.00
N LEU A 40 -21.45 28.67 -0.78
CA LEU A 40 -21.79 27.23 -0.95
C LEU A 40 -22.30 27.06 -2.37
N ASP A 41 -21.37 26.96 -3.33
CA ASP A 41 -21.69 27.17 -4.76
C ASP A 41 -21.35 25.95 -5.63
N THR A 42 -20.98 24.82 -5.05
CA THR A 42 -20.59 23.64 -5.85
C THR A 42 -21.80 23.12 -6.63
N LEU A 43 -21.66 22.94 -7.94
CA LEU A 43 -22.77 22.41 -8.75
C LEU A 43 -22.88 20.90 -8.52
N TRP A 44 -24.10 20.44 -8.20
CA TRP A 44 -24.34 19.07 -7.71
C TRP A 44 -24.09 18.05 -8.80
N ILE A 45 -24.76 18.23 -9.93
CA ILE A 45 -24.61 17.34 -11.11
C ILE A 45 -24.13 18.22 -12.26
N PRO A 46 -22.82 18.20 -12.57
CA PRO A 46 -22.24 19.30 -13.34
C PRO A 46 -22.31 19.18 -14.87
N ASN A 47 -22.82 18.09 -15.42
CA ASN A 47 -22.86 17.92 -16.90
C ASN A 47 -24.18 17.30 -17.32
N LYS A 48 -24.69 17.71 -18.48
CA LYS A 48 -25.98 17.24 -19.00
C LYS A 48 -25.93 15.71 -19.19
N GLU A 49 -24.76 15.16 -19.47
CA GLU A 49 -24.68 13.72 -19.83
C GLU A 49 -25.00 12.82 -18.62
N TYR A 50 -24.78 13.27 -17.38
CA TYR A 50 -25.15 12.45 -16.20
C TYR A 50 -26.68 12.30 -16.14
N PHE A 51 -27.40 13.36 -16.51
CA PHE A 51 -28.89 13.31 -16.53
C PHE A 51 -29.33 12.29 -17.58
N TRP A 52 -28.66 12.30 -18.74
CA TRP A 52 -28.95 11.33 -19.82
C TRP A 52 -28.66 9.93 -19.32
N GLY A 53 -27.54 9.73 -18.62
CA GLY A 53 -27.20 8.43 -18.05
C GLY A 53 -28.18 8.02 -16.95
N LEU A 54 -28.62 8.95 -16.11
CA LEU A 54 -29.59 8.58 -15.06
C LEU A 54 -30.88 8.08 -15.72
N SER A 55 -31.29 8.73 -16.80
CA SER A 55 -32.54 8.38 -17.50
C SER A 55 -32.43 6.94 -18.03
N LYS A 56 -31.30 6.58 -18.63
CA LYS A 56 -31.11 5.21 -19.19
C LYS A 56 -31.10 4.20 -18.05
N PHE A 57 -30.45 4.54 -16.95
CA PHE A 57 -30.43 3.66 -15.76
C PHE A 57 -31.87 3.41 -15.27
N LEU A 58 -32.69 4.46 -15.24
CA LEU A 58 -34.07 4.39 -14.71
C LEU A 58 -34.99 3.68 -15.71
N GLY A 59 -34.51 3.32 -16.88
CA GLY A 59 -35.39 2.65 -17.85
C GLY A 59 -36.21 3.63 -18.66
N THR A 60 -36.13 4.94 -18.40
CA THR A 60 -36.91 5.90 -19.21
C THR A 60 -36.14 6.24 -20.49
N HIS A 61 -36.52 7.30 -21.19
CA HIS A 61 -35.89 7.60 -22.51
C HIS A 61 -35.30 9.02 -22.53
N TRP A 62 -35.56 9.81 -23.56
CA TRP A 62 -34.85 11.10 -23.73
C TRP A 62 -35.56 12.19 -22.92
N LEU A 63 -36.89 12.17 -22.86
CA LEU A 63 -37.67 13.24 -22.19
C LEU A 63 -37.29 13.27 -20.71
N MET A 64 -37.14 12.10 -20.09
CA MET A 64 -36.76 11.98 -18.65
C MET A 64 -35.42 12.69 -18.39
N GLY A 65 -34.44 12.58 -19.28
CA GLY A 65 -33.11 13.17 -19.08
C GLY A 65 -33.21 14.67 -19.04
N ASN A 66 -34.01 15.21 -19.96
CA ASN A 66 -34.28 16.66 -20.06
C ASN A 66 -35.10 17.10 -18.85
N ILE A 67 -36.04 16.28 -18.37
CA ILE A 67 -36.86 16.67 -17.18
C ILE A 67 -35.94 16.76 -15.95
N LEU A 68 -35.16 15.73 -15.68
CA LEU A 68 -34.19 15.74 -14.55
C LEU A 68 -33.26 16.94 -14.73
N ARG A 69 -32.81 17.19 -15.96
CA ARG A 69 -31.89 18.32 -16.24
C ARG A 69 -32.57 19.64 -15.89
N LEU A 70 -33.84 19.78 -16.27
CA LEU A 70 -34.64 21.02 -15.99
C LEU A 70 -34.80 21.18 -14.48
N LEU A 71 -35.11 20.09 -13.80
CA LEU A 71 -35.36 20.12 -12.35
C LEU A 71 -34.06 20.33 -11.56
N PHE A 72 -32.93 19.74 -11.96
CA PHE A 72 -31.77 19.68 -11.04
C PHE A 72 -30.47 20.22 -11.62
N GLY A 73 -30.46 20.65 -12.88
CA GLY A 73 -29.28 21.13 -13.60
C GLY A 73 -28.60 22.31 -12.94
N SER A 74 -29.27 23.10 -12.10
CA SER A 74 -28.57 24.24 -11.44
C SER A 74 -28.58 24.05 -9.91
N MET A 75 -29.01 22.89 -9.45
CA MET A 75 -29.01 22.59 -8.01
C MET A 75 -27.57 22.58 -7.51
N THR A 76 -27.35 23.22 -6.37
CA THR A 76 -26.02 23.27 -5.73
C THR A 76 -25.95 22.27 -4.60
N THR A 77 -24.73 22.05 -4.12
CA THR A 77 -24.47 21.26 -2.90
C THR A 77 -23.62 22.15 -1.98
N PRO A 78 -23.78 22.11 -0.64
CA PRO A 78 -23.18 23.12 0.23
C PRO A 78 -21.68 22.91 0.48
N ALA A 79 -20.87 23.24 -0.52
CA ALA A 79 -19.40 23.27 -0.38
C ALA A 79 -18.84 24.40 -1.23
N ASN A 80 -17.73 24.97 -0.75
CA ASN A 80 -17.01 26.07 -1.43
C ASN A 80 -16.21 25.50 -2.61
N TRP A 81 -16.71 25.67 -3.81
CA TRP A 81 -16.03 25.17 -5.04
C TRP A 81 -14.63 25.77 -5.16
N ASN A 82 -13.61 24.90 -5.19
CA ASN A 82 -12.20 25.25 -5.48
C ASN A 82 -11.61 26.15 -4.40
N SER A 83 -12.19 26.16 -3.21
CA SER A 83 -11.66 26.95 -2.08
C SER A 83 -10.32 26.36 -1.66
N PRO A 84 -9.35 27.20 -1.24
CA PRO A 84 -8.06 26.68 -0.79
C PRO A 84 -8.19 25.67 0.35
N LEU A 85 -7.34 24.65 0.31
CA LEU A 85 -7.27 23.68 1.43
C LEU A 85 -6.84 24.39 2.71
N ARG A 86 -7.46 24.05 3.82
CA ARG A 86 -7.05 24.56 5.13
C ARG A 86 -5.68 23.99 5.45
N PRO A 87 -4.68 24.85 5.66
CA PRO A 87 -3.32 24.40 5.93
C PRO A 87 -3.16 24.06 7.41
N GLY A 88 -2.01 23.50 7.75
CA GLY A 88 -1.50 23.39 9.14
C GLY A 88 -1.80 22.06 9.79
N GLU A 89 -2.36 21.10 9.07
CA GLU A 89 -2.79 19.84 9.71
C GLU A 89 -2.75 18.71 8.68
N LYS A 90 -2.51 17.49 9.17
CA LYS A 90 -2.58 16.27 8.35
C LYS A 90 -3.98 15.69 8.57
N TYR A 91 -4.71 15.44 7.50
CA TYR A 91 -6.11 14.98 7.60
C TYR A 91 -6.20 13.49 7.32
N PRO A 92 -7.05 12.77 8.08
CA PRO A 92 -7.44 11.42 7.70
C PRO A 92 -8.17 11.42 6.36
N LEU A 93 -8.13 10.27 5.69
CA LEU A 93 -8.56 10.20 4.29
C LEU A 93 -9.58 9.07 4.14
N VAL A 94 -10.70 9.40 3.51
CA VAL A 94 -11.75 8.42 3.10
C VAL A 94 -11.81 8.35 1.59
N VAL A 95 -11.77 7.13 1.06
CA VAL A 95 -12.08 6.86 -0.37
C VAL A 95 -13.52 6.36 -0.41
N PHE A 96 -14.35 6.97 -1.25
CA PHE A 96 -15.81 6.66 -1.27
C PHE A 96 -16.19 6.11 -2.64
N SER A 97 -16.90 4.98 -2.62
CA SER A 97 -17.30 4.22 -3.81
C SER A 97 -18.82 4.28 -3.98
N HIS A 98 -19.26 4.79 -5.13
CA HIS A 98 -20.69 4.99 -5.44
C HIS A 98 -21.38 3.69 -5.83
N GLY A 99 -22.70 3.69 -5.76
CA GLY A 99 -23.54 2.55 -6.12
C GLY A 99 -23.72 2.41 -7.63
N LEU A 100 -24.48 1.39 -7.99
CA LEU A 100 -24.75 1.06 -9.40
C LEU A 100 -25.72 2.14 -9.88
N GLY A 101 -25.39 2.81 -10.99
CA GLY A 101 -26.23 3.85 -11.59
C GLY A 101 -25.94 5.22 -11.03
N ALA A 102 -25.07 5.31 -10.04
CA ALA A 102 -24.66 6.60 -9.45
C ALA A 102 -23.40 7.08 -10.18
N PHE A 103 -22.75 8.09 -9.59
CA PHE A 103 -21.45 8.63 -10.03
C PHE A 103 -20.94 9.47 -8.86
N ARG A 104 -19.85 10.19 -9.07
CA ARG A 104 -18.99 10.65 -7.95
C ARG A 104 -19.65 11.75 -7.11
N THR A 105 -20.64 12.48 -7.64
CA THR A 105 -21.16 13.72 -7.04
C THR A 105 -22.41 13.43 -6.19
N LEU A 106 -22.92 12.21 -6.17
CA LEU A 106 -24.26 11.91 -5.63
C LEU A 106 -24.20 11.49 -4.15
N TYR A 107 -23.06 11.61 -3.51
CA TYR A 107 -23.00 11.26 -2.06
C TYR A 107 -22.37 12.42 -1.31
N SER A 108 -22.80 13.62 -1.67
CA SER A 108 -22.20 14.89 -1.16
C SER A 108 -22.67 15.12 0.27
N ALA A 109 -23.88 14.72 0.64
CA ALA A 109 -24.31 14.87 2.05
C ALA A 109 -23.31 14.14 2.96
N ILE A 110 -22.88 12.95 2.56
CA ILE A 110 -21.88 12.18 3.33
C ILE A 110 -20.50 12.86 3.19
N GLY A 111 -20.06 13.15 1.97
CA GLY A 111 -18.70 13.67 1.77
C GLY A 111 -18.54 14.98 2.50
N ILE A 112 -19.51 15.87 2.36
CA ILE A 112 -19.48 17.20 3.03
C ILE A 112 -19.49 17.02 4.55
N ASP A 113 -20.31 16.12 5.09
CA ASP A 113 -20.32 15.97 6.57
C ASP A 113 -18.94 15.51 7.04
N LEU A 114 -18.39 14.47 6.42
CA LEU A 114 -17.06 13.95 6.84
C LEU A 114 -16.03 15.10 6.77
N ALA A 115 -16.03 15.88 5.70
CA ALA A 115 -15.04 16.96 5.49
C ALA A 115 -15.22 18.01 6.58
N SER A 116 -16.44 18.29 6.98
CA SER A 116 -16.71 19.30 8.03
C SER A 116 -16.22 18.81 9.39
N HIS A 117 -15.84 17.54 9.49
CA HIS A 117 -15.27 16.95 10.73
C HIS A 117 -13.77 16.73 10.58
N GLY A 118 -13.15 17.19 9.50
CA GLY A 118 -11.68 17.23 9.40
C GLY A 118 -11.14 16.09 8.53
N PHE A 119 -11.99 15.47 7.72
CA PHE A 119 -11.55 14.45 6.74
C PHE A 119 -11.32 15.12 5.40
N ILE A 120 -10.41 14.54 4.63
CA ILE A 120 -10.44 14.72 3.16
C ILE A 120 -11.19 13.50 2.61
N VAL A 121 -12.11 13.73 1.68
CA VAL A 121 -12.89 12.63 1.05
C VAL A 121 -12.62 12.62 -0.46
N ALA A 122 -12.23 11.46 -0.96
CA ALA A 122 -12.05 11.22 -2.41
C ALA A 122 -13.18 10.32 -2.89
N ALA A 123 -14.23 10.92 -3.45
CA ALA A 123 -15.34 10.16 -4.04
C ALA A 123 -14.97 9.78 -5.49
N VAL A 124 -14.67 8.50 -5.72
CA VAL A 124 -14.16 8.06 -7.05
C VAL A 124 -15.34 7.97 -8.03
N GLU A 125 -15.05 8.19 -9.31
CA GLU A 125 -16.04 7.84 -10.37
C GLU A 125 -15.51 6.60 -11.05
N HIS A 126 -16.27 5.52 -10.97
CA HIS A 126 -15.80 4.24 -11.52
C HIS A 126 -15.95 4.27 -13.04
N ARG A 127 -15.03 3.61 -13.71
CA ARG A 127 -15.04 3.42 -15.18
C ARG A 127 -15.33 1.96 -15.54
N ASP A 128 -16.08 1.25 -14.71
CA ASP A 128 -16.40 -0.17 -14.97
C ASP A 128 -17.72 -0.29 -15.74
N ARG A 129 -18.33 0.83 -16.14
CA ARG A 129 -19.70 0.90 -16.72
C ARG A 129 -20.77 0.57 -15.68
N SER A 130 -20.47 0.75 -14.39
CA SER A 130 -21.50 0.76 -13.33
C SER A 130 -22.01 2.18 -13.08
N ALA A 131 -21.23 3.22 -13.39
CA ALA A 131 -21.74 4.60 -13.28
C ALA A 131 -22.80 4.82 -14.35
N SER A 132 -23.83 5.60 -14.03
CA SER A 132 -24.84 6.00 -15.04
C SER A 132 -24.12 6.63 -16.22
N ALA A 133 -23.17 7.51 -15.93
CA ALA A 133 -22.25 8.11 -16.90
C ALA A 133 -20.93 8.41 -16.21
N THR A 134 -19.88 8.44 -17.02
CA THR A 134 -18.58 9.01 -16.63
C THR A 134 -17.89 9.42 -17.91
N TYR A 135 -16.80 10.18 -17.78
CA TYR A 135 -16.02 10.55 -18.97
C TYR A 135 -14.52 10.49 -18.69
N TYR A 136 -13.79 10.53 -19.78
CA TYR A 136 -12.31 10.50 -19.82
C TYR A 136 -11.92 11.18 -21.13
N PHE A 137 -10.62 11.26 -21.39
CA PHE A 137 -10.09 11.95 -22.59
C PHE A 137 -9.27 10.97 -23.39
N LYS A 138 -9.46 10.98 -24.70
CA LYS A 138 -8.73 10.03 -25.59
C LYS A 138 -7.27 10.46 -25.75
N ASP A 139 -6.94 11.73 -25.48
CA ASP A 139 -5.52 12.17 -25.52
C ASP A 139 -5.42 13.49 -24.78
N GLN A 140 -4.18 13.92 -24.53
CA GLN A 140 -3.86 15.13 -23.72
C GLN A 140 -4.51 16.35 -24.40
N SER A 141 -4.56 16.36 -25.73
CA SER A 141 -5.13 17.50 -26.49
C SER A 141 -6.65 17.57 -26.30
N ALA A 142 -7.35 16.44 -26.28
CA ALA A 142 -8.79 16.41 -25.97
C ALA A 142 -9.01 16.96 -24.56
N ALA A 143 -8.14 16.60 -23.61
CA ALA A 143 -8.23 17.11 -22.21
C ALA A 143 -8.03 18.62 -22.24
N GLU A 144 -7.03 19.10 -22.97
CA GLU A 144 -6.74 20.55 -23.05
C GLU A 144 -7.97 21.28 -23.61
N ILE A 145 -8.68 20.66 -24.55
CA ILE A 145 -9.84 21.30 -25.22
C ILE A 145 -11.13 21.11 -24.40
N GLY A 146 -11.13 20.19 -23.43
CA GLY A 146 -12.35 19.75 -22.74
C GLY A 146 -13.21 18.88 -23.63
N ASP A 147 -12.59 18.14 -24.57
CA ASP A 147 -13.30 17.26 -25.55
C ASP A 147 -13.53 15.87 -24.92
N LYS A 148 -14.66 15.69 -24.26
CA LYS A 148 -14.89 14.55 -23.35
C LYS A 148 -15.42 13.35 -24.14
N SER A 149 -14.87 12.18 -23.85
CA SER A 149 -15.44 10.89 -24.32
C SER A 149 -16.28 10.30 -23.20
N TRP A 150 -17.58 10.13 -23.45
CA TRP A 150 -18.56 9.69 -22.42
C TRP A 150 -18.71 8.18 -22.44
N LEU A 151 -18.79 7.60 -21.25
CA LEU A 151 -19.02 6.16 -21.04
C LEU A 151 -20.28 5.96 -20.20
N TYR A 152 -21.25 5.23 -20.72
CA TYR A 152 -22.58 5.09 -20.12
C TYR A 152 -22.74 3.69 -19.55
N LEU A 153 -23.66 3.59 -18.59
CA LEU A 153 -23.92 2.32 -17.86
C LEU A 153 -24.18 1.18 -18.83
N ARG A 154 -23.59 0.03 -18.56
CA ARG A 154 -23.80 -1.20 -19.35
C ARG A 154 -24.95 -1.96 -18.73
N THR A 155 -26.02 -2.18 -19.49
CA THR A 155 -27.10 -3.10 -19.06
C THR A 155 -26.68 -4.54 -19.34
N LEU A 156 -26.96 -5.45 -18.42
CA LEU A 156 -26.50 -6.85 -18.52
C LEU A 156 -27.70 -7.76 -18.75
N LYS A 157 -27.45 -8.88 -19.42
CA LYS A 157 -28.39 -10.03 -19.44
C LYS A 157 -28.21 -10.86 -18.17
N GLN A 158 -29.16 -11.76 -17.89
CA GLN A 158 -29.14 -12.65 -16.70
C GLN A 158 -27.85 -13.47 -16.71
N GLU A 159 -27.58 -14.17 -17.81
CA GLU A 159 -26.43 -15.11 -17.89
C GLU A 159 -25.13 -14.35 -17.66
N GLU A 160 -25.14 -13.03 -17.84
CA GLU A 160 -23.94 -12.17 -17.72
C GLU A 160 -23.67 -11.76 -16.26
N GLU A 161 -24.70 -11.68 -15.43
CA GLU A 161 -24.67 -10.92 -14.15
C GLU A 161 -23.56 -11.46 -13.25
N THR A 162 -23.47 -12.77 -13.07
CA THR A 162 -22.50 -13.35 -12.11
C THR A 162 -21.07 -12.95 -12.50
N HIS A 163 -20.67 -13.21 -13.75
CA HIS A 163 -19.29 -12.99 -14.19
C HIS A 163 -18.97 -11.49 -14.21
N ILE A 164 -19.83 -10.69 -14.82
CA ILE A 164 -19.54 -9.26 -15.08
C ILE A 164 -19.60 -8.46 -13.77
N ARG A 165 -20.51 -8.75 -12.86
CA ARG A 165 -20.57 -8.01 -11.57
C ARG A 165 -19.27 -8.24 -10.81
N ASN A 166 -18.73 -9.46 -10.85
CA ASN A 166 -17.47 -9.80 -10.14
C ASN A 166 -16.29 -9.10 -10.85
N GLU A 167 -16.25 -9.09 -12.18
CA GLU A 167 -15.23 -8.29 -12.92
C GLU A 167 -15.32 -6.81 -12.53
N GLN A 168 -16.52 -6.24 -12.48
CA GLN A 168 -16.72 -4.82 -12.08
C GLN A 168 -16.24 -4.60 -10.63
N VAL A 169 -16.60 -5.46 -9.68
CA VAL A 169 -16.17 -5.21 -8.28
C VAL A 169 -14.63 -5.24 -8.21
N ARG A 170 -13.97 -6.11 -8.96
CA ARG A 170 -12.48 -6.18 -8.99
C ARG A 170 -11.88 -4.88 -9.60
N GLN A 171 -12.40 -4.42 -10.72
CA GLN A 171 -11.99 -3.13 -11.29
C GLN A 171 -12.23 -2.01 -10.26
N ARG A 172 -13.38 -2.04 -9.59
CA ARG A 172 -13.75 -1.00 -8.58
C ARG A 172 -12.69 -0.95 -7.48
N ALA A 173 -12.22 -2.09 -7.02
CA ALA A 173 -11.24 -2.16 -5.91
C ALA A 173 -9.89 -1.64 -6.41
N LYS A 174 -9.52 -1.97 -7.66
CA LYS A 174 -8.32 -1.40 -8.32
C LYS A 174 -8.44 0.14 -8.40
N GLU A 175 -9.61 0.64 -8.72
CA GLU A 175 -9.85 2.10 -8.85
C GLU A 175 -9.78 2.78 -7.49
N CYS A 176 -10.28 2.14 -6.44
CA CYS A 176 -10.15 2.70 -5.08
C CYS A 176 -8.68 2.72 -4.69
N SER A 177 -7.95 1.64 -4.91
CA SER A 177 -6.51 1.54 -4.60
C SER A 177 -5.68 2.55 -5.42
N GLN A 178 -5.97 2.67 -6.70
CA GLN A 178 -5.34 3.67 -7.58
C GLN A 178 -5.64 5.09 -7.08
N ALA A 179 -6.87 5.38 -6.66
CA ALA A 179 -7.22 6.75 -6.21
C ALA A 179 -6.38 7.07 -4.98
N LEU A 180 -6.27 6.09 -4.08
CA LEU A 180 -5.45 6.26 -2.85
C LEU A 180 -3.99 6.51 -3.24
N SER A 181 -3.44 5.72 -4.17
CA SER A 181 -2.04 5.89 -4.60
C SER A 181 -1.89 7.30 -5.18
N LEU A 182 -2.86 7.74 -5.98
CA LEU A 182 -2.81 9.12 -6.54
C LEU A 182 -2.69 10.15 -5.40
N ILE A 183 -3.58 10.09 -4.41
CA ILE A 183 -3.59 11.09 -3.31
C ILE A 183 -2.26 10.96 -2.52
N LEU A 184 -1.85 9.75 -2.18
CA LEU A 184 -0.62 9.52 -1.38
C LEU A 184 0.61 10.01 -2.16
N ASP A 185 0.66 9.75 -3.47
CA ASP A 185 1.81 10.23 -4.28
C ASP A 185 1.81 11.76 -4.31
N ILE A 186 0.64 12.39 -4.48
CA ILE A 186 0.55 13.88 -4.44
C ILE A 186 1.00 14.37 -3.06
N ASP A 187 0.48 13.77 -2.01
CA ASP A 187 0.91 14.08 -0.63
C ASP A 187 2.45 14.10 -0.52
N HIS A 188 3.14 13.25 -1.27
CA HIS A 188 4.63 13.13 -1.18
C HIS A 188 5.32 13.74 -2.41
N GLY A 189 4.69 14.73 -3.03
CA GLY A 189 5.37 15.62 -3.98
C GLY A 189 5.32 15.13 -5.41
N LYS A 190 4.54 14.13 -5.76
CA LYS A 190 4.45 13.72 -7.19
C LYS A 190 3.82 14.86 -7.98
N PRO A 191 4.51 15.42 -9.00
CA PRO A 191 3.88 16.48 -9.80
C PRO A 191 2.76 15.88 -10.64
N VAL A 192 1.61 16.53 -10.62
CA VAL A 192 0.44 16.04 -11.40
C VAL A 192 -0.13 17.24 -12.14
N LYS A 193 -0.48 17.05 -13.40
CA LYS A 193 -1.31 18.00 -14.15
C LYS A 193 -2.73 17.44 -14.17
N ASN A 194 -3.60 18.03 -13.37
CA ASN A 194 -5.05 17.73 -13.41
C ASN A 194 -5.53 17.75 -14.86
N ALA A 195 -6.23 16.72 -15.30
CA ALA A 195 -6.75 16.70 -16.69
C ALA A 195 -7.89 17.72 -16.83
N LEU A 196 -8.44 18.18 -15.72
CA LEU A 196 -9.46 19.24 -15.75
C LEU A 196 -8.78 20.55 -15.33
N ASP A 197 -9.13 21.65 -15.99
CA ASP A 197 -8.49 22.95 -15.67
C ASP A 197 -9.38 23.66 -14.63
N LEU A 198 -8.95 23.69 -13.38
CA LEU A 198 -9.75 24.24 -12.26
C LEU A 198 -8.85 25.10 -11.38
N LYS A 199 -9.42 26.11 -10.74
CA LYS A 199 -8.65 27.07 -9.90
C LYS A 199 -7.90 26.37 -8.77
N PHE A 200 -8.27 25.16 -8.37
CA PHE A 200 -7.65 24.51 -7.19
C PHE A 200 -6.29 23.96 -7.62
N ASP A 201 -5.21 24.50 -7.07
CA ASP A 201 -3.84 23.98 -7.30
C ASP A 201 -3.63 22.72 -6.44
N MET A 202 -3.41 21.59 -7.10
CA MET A 202 -3.26 20.28 -6.43
C MET A 202 -1.96 20.22 -5.60
N GLU A 203 -1.03 21.16 -5.78
CA GLU A 203 0.19 21.23 -4.93
C GLU A 203 -0.17 21.46 -3.46
N GLN A 204 -1.31 22.09 -3.16
CA GLN A 204 -1.82 22.28 -1.78
C GLN A 204 -1.92 20.96 -1.05
N LEU A 205 -2.16 19.85 -1.76
CA LEU A 205 -2.32 18.54 -1.10
C LEU A 205 -0.98 17.95 -0.66
N LYS A 206 0.13 18.55 -1.06
CA LYS A 206 1.46 18.11 -0.57
C LYS A 206 1.44 18.12 0.96
N ASP A 207 1.85 17.01 1.59
CA ASP A 207 2.03 16.92 3.06
C ASP A 207 0.74 17.35 3.76
N SER A 208 -0.41 16.94 3.23
CA SER A 208 -1.73 17.23 3.87
C SER A 208 -2.42 15.96 4.35
N ILE A 209 -1.84 14.77 4.12
CA ILE A 209 -2.52 13.49 4.44
C ILE A 209 -1.90 12.83 5.68
N ASP A 210 -2.76 12.36 6.56
CA ASP A 210 -2.35 11.48 7.66
C ASP A 210 -2.38 10.06 7.10
N ARG A 211 -1.22 9.57 6.67
CA ARG A 211 -1.11 8.36 5.81
C ARG A 211 -1.48 7.09 6.56
N GLU A 212 -1.53 7.12 7.90
CA GLU A 212 -1.90 5.94 8.73
C GLU A 212 -3.40 5.83 8.89
N LYS A 213 -4.15 6.90 8.59
CA LYS A 213 -5.59 6.97 8.92
C LYS A 213 -6.40 7.05 7.63
N ILE A 214 -6.52 5.89 6.99
CA ILE A 214 -7.17 5.73 5.67
C ILE A 214 -8.34 4.75 5.84
N ALA A 215 -9.48 5.12 5.32
CA ALA A 215 -10.66 4.24 5.32
C ALA A 215 -11.30 4.25 3.95
N VAL A 216 -12.10 3.21 3.69
CA VAL A 216 -12.90 3.12 2.45
C VAL A 216 -14.36 2.98 2.86
N ILE A 217 -15.23 3.75 2.20
CA ILE A 217 -16.68 3.78 2.47
C ILE A 217 -17.39 3.68 1.12
N GLY A 218 -18.55 3.06 1.12
CA GLY A 218 -19.28 2.91 -0.15
C GLY A 218 -20.69 2.44 0.07
N HIS A 219 -21.52 2.72 -0.91
CA HIS A 219 -22.97 2.44 -0.86
C HIS A 219 -23.34 1.42 -1.91
N SER A 220 -24.06 0.39 -1.50
CA SER A 220 -24.64 -0.64 -2.41
C SER A 220 -23.52 -1.39 -3.17
N PHE A 221 -23.42 -1.23 -4.49
CA PHE A 221 -22.24 -1.75 -5.23
C PHE A 221 -20.95 -1.27 -4.53
N GLY A 222 -20.95 -0.03 -4.05
CA GLY A 222 -19.79 0.54 -3.35
C GLY A 222 -19.53 -0.11 -1.99
N GLY A 223 -20.56 -0.70 -1.37
CA GLY A 223 -20.35 -1.48 -0.15
C GLY A 223 -19.65 -2.79 -0.44
N ALA A 224 -20.03 -3.47 -1.53
CA ALA A 224 -19.26 -4.64 -1.97
C ALA A 224 -17.84 -4.20 -2.29
N THR A 225 -17.71 -3.00 -2.87
CA THR A 225 -16.39 -2.45 -3.25
C THR A 225 -15.51 -2.26 -2.01
N VAL A 226 -16.08 -1.75 -0.92
CA VAL A 226 -15.38 -1.63 0.39
C VAL A 226 -14.71 -2.97 0.72
N ILE A 227 -15.43 -4.06 0.59
CA ILE A 227 -14.99 -5.38 1.11
C ILE A 227 -13.89 -5.93 0.20
N GLN A 228 -14.09 -5.84 -1.11
CA GLN A 228 -13.07 -6.25 -2.09
C GLN A 228 -11.80 -5.41 -1.91
N THR A 229 -11.94 -4.10 -1.76
CA THR A 229 -10.75 -3.20 -1.63
C THR A 229 -10.01 -3.53 -0.33
N LEU A 230 -10.72 -3.71 0.76
CA LEU A 230 -10.06 -4.06 2.05
C LEU A 230 -9.25 -5.35 1.87
N SER A 231 -9.81 -6.35 1.18
CA SER A 231 -9.15 -7.68 1.06
C SER A 231 -7.84 -7.57 0.26
N GLU A 232 -7.77 -6.62 -0.66
CA GLU A 232 -6.61 -6.51 -1.57
C GLU A 232 -5.59 -5.47 -1.04
N ASP A 233 -6.01 -4.51 -0.22
CA ASP A 233 -5.18 -3.30 0.06
C ASP A 233 -5.17 -3.00 1.55
N GLN A 234 -4.07 -3.35 2.22
CA GLN A 234 -3.93 -3.18 3.70
C GLN A 234 -3.64 -1.72 4.07
N ARG A 235 -3.46 -0.81 3.11
CA ARG A 235 -3.33 0.65 3.41
C ARG A 235 -4.66 1.18 3.95
N PHE A 236 -5.78 0.62 3.51
CA PHE A 236 -7.12 0.93 4.08
C PHE A 236 -7.21 0.21 5.43
N ARG A 237 -7.46 0.97 6.50
CA ARG A 237 -7.32 0.44 7.89
C ARG A 237 -8.67 0.03 8.45
N CYS A 238 -9.76 0.47 7.82
CA CYS A 238 -11.12 -0.04 8.13
C CYS A 238 -12.05 0.33 7.00
N GLY A 239 -13.24 -0.26 7.03
CA GLY A 239 -14.25 -0.04 5.98
C GLY A 239 -15.63 0.14 6.59
N ILE A 240 -16.43 0.93 5.91
CA ILE A 240 -17.86 1.14 6.25
C ILE A 240 -18.66 0.91 4.97
N ALA A 241 -19.54 -0.08 5.02
CA ALA A 241 -20.40 -0.48 3.89
C ALA A 241 -21.82 0.00 4.16
N LEU A 242 -22.30 0.93 3.33
CA LEU A 242 -23.67 1.48 3.46
C LEU A 242 -24.61 0.67 2.58
N ASP A 243 -25.48 -0.11 3.21
CA ASP A 243 -26.40 -0.99 2.48
C ASP A 243 -25.65 -1.75 1.39
N ALA A 244 -24.60 -2.48 1.80
CA ALA A 244 -23.79 -3.28 0.88
C ALA A 244 -24.72 -4.15 0.04
N TRP A 245 -24.43 -4.22 -1.26
CA TRP A 245 -25.00 -5.20 -2.21
C TRP A 245 -23.95 -6.29 -2.44
N MET A 246 -24.15 -7.46 -1.85
CA MET A 246 -23.06 -8.44 -1.67
C MET A 246 -22.90 -9.37 -2.89
N PHE A 247 -23.89 -9.39 -3.79
CA PHE A 247 -23.94 -10.33 -4.94
C PHE A 247 -22.63 -10.33 -5.73
N PRO A 248 -22.00 -9.18 -6.08
CA PRO A 248 -20.79 -9.23 -6.92
C PRO A 248 -19.56 -9.97 -6.36
N LEU A 249 -19.52 -10.20 -5.05
CA LEU A 249 -18.29 -10.69 -4.36
C LEU A 249 -18.15 -12.20 -4.59
N GLY A 250 -16.92 -12.64 -4.79
CA GLY A 250 -16.58 -14.07 -4.85
C GLY A 250 -16.42 -14.59 -3.45
N ASP A 251 -16.59 -15.90 -3.27
CA ASP A 251 -16.53 -16.57 -1.94
C ASP A 251 -15.15 -16.42 -1.30
N GLU A 252 -14.10 -16.16 -2.07
CA GLU A 252 -12.71 -16.09 -1.54
C GLU A 252 -12.52 -14.84 -0.67
N VAL A 253 -13.34 -13.78 -0.79
CA VAL A 253 -13.00 -12.52 -0.07
C VAL A 253 -13.25 -12.67 1.43
N TYR A 254 -14.25 -13.46 1.83
CA TYR A 254 -14.81 -13.43 3.20
C TYR A 254 -13.75 -13.77 4.24
N SER A 255 -12.83 -14.64 3.91
CA SER A 255 -11.75 -15.09 4.83
C SER A 255 -10.56 -14.14 4.76
N ARG A 256 -10.60 -13.11 3.91
CA ARG A 256 -9.39 -12.35 3.51
C ARG A 256 -9.41 -10.91 3.98
N ILE A 257 -10.22 -10.58 4.98
CA ILE A 257 -10.38 -9.16 5.40
C ILE A 257 -9.97 -9.05 6.85
N PRO A 258 -8.69 -8.72 7.14
CA PRO A 258 -8.29 -8.47 8.52
C PRO A 258 -8.87 -7.19 9.14
N GLN A 259 -9.18 -6.17 8.33
CA GLN A 259 -9.53 -4.83 8.90
C GLN A 259 -10.93 -4.83 9.50
N PRO A 260 -11.16 -3.94 10.49
CA PRO A 260 -12.50 -3.69 10.99
C PRO A 260 -13.49 -3.22 9.92
N LEU A 261 -14.72 -3.74 10.01
CA LEU A 261 -15.76 -3.50 8.97
C LEU A 261 -17.09 -3.23 9.66
N PHE A 262 -17.76 -2.18 9.20
CA PHE A 262 -19.03 -1.68 9.77
C PHE A 262 -20.11 -1.71 8.71
N PHE A 263 -21.20 -2.45 8.97
CA PHE A 263 -22.36 -2.50 8.05
C PHE A 263 -23.45 -1.57 8.59
N ILE A 264 -23.79 -0.54 7.82
CA ILE A 264 -24.93 0.35 8.13
C ILE A 264 -26.01 0.08 7.10
N ASN A 265 -27.12 -0.50 7.54
CA ASN A 265 -28.19 -0.97 6.62
C ASN A 265 -29.40 -0.04 6.67
N SER A 266 -30.12 0.02 5.56
CA SER A 266 -31.51 0.55 5.56
C SER A 266 -32.46 -0.57 6.00
N GLU A 267 -33.59 -0.21 6.61
CA GLU A 267 -34.55 -1.22 7.09
C GLU A 267 -35.23 -1.86 5.89
N TYR A 268 -35.53 -1.10 4.83
CA TYR A 268 -36.47 -1.55 3.78
C TYR A 268 -35.78 -2.14 2.54
N PHE A 269 -34.44 -2.12 2.48
CA PHE A 269 -33.70 -2.72 1.36
C PHE A 269 -33.32 -4.19 1.61
N GLN A 270 -32.92 -4.55 2.83
CA GLN A 270 -32.15 -5.80 3.02
C GLN A 270 -33.02 -7.05 2.88
N TYR A 271 -32.37 -8.17 2.60
CA TYR A 271 -33.04 -9.45 2.34
C TYR A 271 -32.10 -10.56 2.75
N PRO A 272 -32.63 -11.74 3.11
CA PRO A 272 -31.78 -12.78 3.68
C PRO A 272 -30.59 -13.18 2.81
N ALA A 273 -30.76 -13.32 1.50
CA ALA A 273 -29.66 -13.81 0.63
C ALA A 273 -28.51 -12.79 0.67
N ASN A 274 -28.82 -11.52 0.90
CA ASN A 274 -27.81 -10.45 1.01
C ASN A 274 -27.21 -10.46 2.42
N ILE A 275 -28.05 -10.50 3.45
CA ILE A 275 -27.63 -10.46 4.87
C ILE A 275 -26.72 -11.66 5.17
N ILE A 276 -27.03 -12.83 4.63
CA ILE A 276 -26.22 -14.03 4.95
C ILE A 276 -24.77 -13.85 4.49
N LYS A 277 -24.53 -13.14 3.38
CA LYS A 277 -23.16 -12.85 2.94
C LYS A 277 -22.49 -11.88 3.91
N MET A 278 -23.22 -10.93 4.48
CA MET A 278 -22.65 -10.03 5.51
C MET A 278 -22.22 -10.86 6.73
N LYS A 279 -23.06 -11.78 7.17
CA LYS A 279 -22.76 -12.62 8.35
C LYS A 279 -21.53 -13.49 8.07
N LYS A 280 -21.29 -13.85 6.81
CA LYS A 280 -20.11 -14.65 6.42
C LYS A 280 -18.80 -13.89 6.69
N CYS A 281 -18.84 -12.57 6.87
CA CYS A 281 -17.62 -11.78 7.21
C CYS A 281 -17.27 -11.92 8.70
N TYR A 282 -18.19 -12.40 9.52
CA TYR A 282 -18.06 -12.35 10.98
C TYR A 282 -17.14 -13.49 11.44
N SER A 283 -16.28 -13.16 12.39
CA SER A 283 -15.26 -14.08 12.95
C SER A 283 -14.88 -13.56 14.32
N PRO A 284 -14.66 -14.43 15.33
CA PRO A 284 -14.29 -13.93 16.66
C PRO A 284 -12.99 -13.12 16.71
N ASP A 285 -12.09 -13.33 15.76
CA ASP A 285 -10.79 -12.63 15.67
C ASP A 285 -10.91 -11.33 14.87
N LYS A 286 -12.12 -10.91 14.48
CA LYS A 286 -12.30 -9.69 13.66
C LYS A 286 -13.42 -8.83 14.22
N GLU A 287 -13.29 -7.52 14.03
CA GLU A 287 -14.31 -6.53 14.42
C GLU A 287 -15.27 -6.34 13.24
N ARG A 288 -16.51 -6.78 13.43
CA ARG A 288 -17.64 -6.49 12.51
C ARG A 288 -18.80 -5.92 13.31
N LYS A 289 -19.35 -4.82 12.84
CA LYS A 289 -20.53 -4.22 13.49
C LYS A 289 -21.59 -4.05 12.43
N MET A 290 -22.84 -4.14 12.85
CA MET A 290 -23.97 -3.92 11.94
C MET A 290 -25.07 -3.18 12.71
N ILE A 291 -25.58 -2.13 12.09
CA ILE A 291 -26.81 -1.44 12.56
C ILE A 291 -27.73 -1.26 11.35
N THR A 292 -28.99 -1.10 11.68
CA THR A 292 -30.07 -0.85 10.72
C THR A 292 -30.78 0.43 11.12
N ILE A 293 -30.93 1.36 10.17
CA ILE A 293 -31.64 2.63 10.42
C ILE A 293 -33.15 2.36 10.23
N ARG A 294 -33.89 2.51 11.31
CA ARG A 294 -35.35 2.20 11.33
C ARG A 294 -36.07 3.14 10.34
N GLY A 295 -36.91 2.58 9.49
CA GLY A 295 -37.77 3.40 8.61
C GLY A 295 -37.04 3.93 7.38
N SER A 296 -35.78 3.53 7.14
CA SER A 296 -34.97 4.01 6.00
C SER A 296 -35.15 3.10 4.78
N VAL A 297 -34.98 3.70 3.61
CA VAL A 297 -34.91 2.96 2.33
C VAL A 297 -33.48 3.08 1.81
N HIS A 298 -33.21 2.34 0.77
CA HIS A 298 -31.88 2.26 0.12
C HIS A 298 -31.35 3.65 -0.19
N GLN A 299 -32.20 4.50 -0.74
CA GLN A 299 -31.81 5.84 -1.27
C GLN A 299 -31.56 6.85 -0.16
N ASN A 300 -31.75 6.49 1.12
CA ASN A 300 -31.52 7.42 2.25
C ASN A 300 -30.03 7.76 2.34
N PHE A 301 -29.17 6.92 1.76
CA PHE A 301 -27.71 7.16 1.86
C PHE A 301 -27.22 8.09 0.75
N ALA A 302 -28.01 8.28 -0.32
CA ALA A 302 -27.57 9.09 -1.48
C ALA A 302 -28.35 10.40 -1.52
N ASP A 303 -27.84 11.36 -2.30
CA ASP A 303 -28.26 12.77 -2.28
C ASP A 303 -29.68 12.96 -2.82
N PHE A 304 -30.22 12.04 -3.63
CA PHE A 304 -31.57 12.23 -4.21
C PHE A 304 -32.62 12.20 -3.09
N THR A 305 -32.29 11.65 -1.91
CA THR A 305 -33.18 11.67 -0.74
C THR A 305 -33.49 13.12 -0.30
N PHE A 306 -32.66 14.10 -0.66
CA PHE A 306 -32.83 15.54 -0.29
C PHE A 306 -33.27 16.36 -1.50
N ALA A 307 -33.59 15.72 -2.62
CA ALA A 307 -33.79 16.43 -3.90
C ALA A 307 -35.27 16.72 -4.16
N THR A 308 -36.19 16.11 -3.44
CA THR A 308 -37.63 16.33 -3.70
C THR A 308 -38.34 16.59 -2.38
N GLY A 309 -39.63 16.89 -2.49
CA GLY A 309 -40.53 17.10 -1.33
C GLY A 309 -40.84 15.77 -0.65
N LYS A 310 -41.37 15.84 0.56
CA LYS A 310 -41.62 14.63 1.39
C LYS A 310 -42.53 13.68 0.63
N ILE A 311 -43.57 14.18 -0.03
CA ILE A 311 -44.60 13.29 -0.63
C ILE A 311 -44.09 12.63 -1.91
N ILE A 312 -43.61 13.40 -2.88
CA ILE A 312 -42.99 12.84 -4.11
C ILE A 312 -41.86 11.87 -3.70
N GLY A 313 -41.07 12.25 -2.69
CA GLY A 313 -39.93 11.43 -2.24
C GLY A 313 -40.39 10.02 -1.86
N HIS A 314 -41.50 9.93 -1.12
CA HIS A 314 -42.04 8.63 -0.66
C HIS A 314 -42.52 7.82 -1.85
N MET A 315 -43.19 8.46 -2.79
CA MET A 315 -43.72 7.71 -3.95
C MET A 315 -42.55 7.19 -4.78
N LEU A 316 -41.46 7.96 -4.94
CA LEU A 316 -40.34 7.53 -5.81
C LEU A 316 -39.36 6.64 -5.05
N LYS A 317 -39.61 6.36 -3.77
CA LYS A 317 -38.72 5.54 -2.91
C LYS A 317 -37.37 6.26 -2.72
N LEU A 318 -37.35 7.58 -2.81
CA LEU A 318 -36.16 8.37 -2.45
C LEU A 318 -36.13 8.67 -0.94
N LYS A 319 -37.28 8.64 -0.29
CA LYS A 319 -37.38 8.91 1.15
C LYS A 319 -38.07 7.72 1.79
N GLY A 320 -37.73 7.49 3.05
CA GLY A 320 -38.40 6.45 3.85
C GLY A 320 -39.39 7.08 4.81
N ASP A 321 -39.77 6.33 5.83
CA ASP A 321 -40.67 6.84 6.89
C ASP A 321 -39.89 7.81 7.75
N ILE A 322 -38.61 7.53 7.97
CA ILE A 322 -37.74 8.42 8.77
C ILE A 322 -37.46 9.70 7.99
N ASP A 323 -37.23 10.78 8.70
CA ASP A 323 -36.77 12.06 8.10
C ASP A 323 -35.36 11.85 7.54
N SER A 324 -35.13 12.33 6.30
CA SER A 324 -33.86 12.11 5.55
C SER A 324 -32.70 12.72 6.31
N ASN A 325 -32.91 13.85 6.98
CA ASN A 325 -31.83 14.50 7.75
C ASN A 325 -31.56 13.68 9.00
N VAL A 326 -32.59 13.14 9.61
CA VAL A 326 -32.40 12.30 10.83
C VAL A 326 -31.61 11.06 10.41
N ALA A 327 -31.96 10.43 9.30
CA ALA A 327 -31.30 9.18 8.84
C ALA A 327 -29.83 9.43 8.51
N ILE A 328 -29.51 10.49 7.76
CA ILE A 328 -28.11 10.74 7.32
C ILE A 328 -27.26 11.14 8.54
N ASP A 329 -27.83 11.85 9.50
CA ASP A 329 -27.12 12.22 10.75
C ASP A 329 -26.75 10.95 11.52
N LEU A 330 -27.64 9.97 11.57
CA LEU A 330 -27.34 8.71 12.28
C LEU A 330 -26.21 7.97 11.55
N SER A 331 -26.32 7.80 10.24
CA SER A 331 -25.28 7.11 9.44
C SER A 331 -23.94 7.84 9.59
N ASN A 332 -23.95 9.17 9.45
CA ASN A 332 -22.68 9.96 9.49
C ASN A 332 -22.06 9.93 10.90
N LYS A 333 -22.88 10.10 11.94
CA LYS A 333 -22.40 10.11 13.34
C LYS A 333 -21.84 8.74 13.73
N ALA A 334 -22.59 7.67 13.47
CA ALA A 334 -22.07 6.31 13.71
C ALA A 334 -20.79 6.07 12.90
N SER A 335 -20.74 6.53 11.66
CA SER A 335 -19.52 6.42 10.82
C SER A 335 -18.36 7.11 11.54
N LEU A 336 -18.59 8.34 12.03
CA LEU A 336 -17.50 9.12 12.67
C LEU A 336 -17.00 8.37 13.92
N ALA A 337 -17.90 7.79 14.71
CA ALA A 337 -17.49 7.08 15.94
C ALA A 337 -16.65 5.87 15.54
N PHE A 338 -17.09 5.18 14.49
CA PHE A 338 -16.35 3.98 14.01
C PHE A 338 -14.96 4.39 13.48
N LEU A 339 -14.89 5.47 12.71
CA LEU A 339 -13.61 5.94 12.12
C LEU A 339 -12.67 6.41 13.25
N GLN A 340 -13.20 7.03 14.29
CA GLN A 340 -12.34 7.46 15.42
C GLN A 340 -11.74 6.24 16.10
N LYS A 341 -12.55 5.23 16.37
CA LYS A 341 -12.16 3.98 17.05
C LYS A 341 -11.08 3.28 16.24
N HIS A 342 -11.25 3.06 14.93
CA HIS A 342 -10.33 2.16 14.20
C HIS A 342 -9.26 2.93 13.44
N LEU A 343 -9.37 4.26 13.33
CA LEU A 343 -8.24 5.04 12.77
C LEU A 343 -7.44 5.69 13.92
N GLY A 344 -7.90 5.62 15.16
CA GLY A 344 -7.18 6.21 16.30
C GLY A 344 -7.25 7.74 16.29
N LEU A 345 -8.41 8.31 16.01
CA LEU A 345 -8.49 9.78 15.90
C LEU A 345 -8.62 10.37 17.29
N HIS A 346 -8.09 11.58 17.45
CA HIS A 346 -8.05 12.32 18.73
C HIS A 346 -9.11 13.39 18.67
N LYS A 347 -10.35 12.98 18.38
CA LYS A 347 -11.46 13.95 18.32
C LYS A 347 -12.50 13.50 19.34
N ASP A 348 -13.72 14.00 19.21
CA ASP A 348 -14.81 13.75 20.19
C ASP A 348 -15.91 12.89 19.54
N PHE A 349 -15.56 12.08 18.54
CA PHE A 349 -16.58 11.31 17.80
C PHE A 349 -17.06 10.15 18.67
N ASP A 350 -16.28 9.79 19.69
CA ASP A 350 -16.62 8.66 20.58
C ASP A 350 -17.88 9.01 21.40
N GLN A 351 -18.33 10.27 21.32
CA GLN A 351 -19.63 10.66 21.91
C GLN A 351 -20.77 9.89 21.23
N TRP A 352 -20.53 9.33 20.05
CA TRP A 352 -21.57 8.58 19.30
C TRP A 352 -21.26 7.07 19.30
N ASP A 353 -20.35 6.60 20.16
CA ASP A 353 -19.99 5.17 20.25
C ASP A 353 -21.24 4.31 20.41
N CYS A 354 -22.27 4.81 21.08
CA CYS A 354 -23.53 4.07 21.36
C CYS A 354 -24.27 3.80 20.04
N LEU A 355 -24.14 4.68 19.04
CA LEU A 355 -24.79 4.48 17.73
C LEU A 355 -24.18 3.28 17.00
N ILE A 356 -22.90 2.99 17.25
CA ILE A 356 -22.25 1.77 16.69
C ILE A 356 -22.98 0.52 17.20
N GLU A 357 -23.44 0.54 18.45
CA GLU A 357 -24.19 -0.58 19.09
C GLU A 357 -25.66 -0.60 18.65
N GLY A 358 -26.10 0.39 17.88
CA GLY A 358 -27.54 0.50 17.54
C GLY A 358 -28.40 1.01 18.68
N ASP A 359 -27.81 1.66 19.70
CA ASP A 359 -28.56 2.14 20.90
C ASP A 359 -29.12 3.54 20.62
N ASP A 360 -30.26 3.55 19.95
CA ASP A 360 -30.99 4.77 19.58
C ASP A 360 -32.41 4.36 19.23
N GLU A 361 -33.36 5.25 19.45
CA GLU A 361 -34.78 4.99 19.09
C GLU A 361 -34.89 4.67 17.59
N ASN A 362 -33.98 5.18 16.75
CA ASN A 362 -34.14 5.07 15.27
C ASN A 362 -33.16 4.05 14.72
N LEU A 363 -32.48 3.30 15.59
CA LEU A 363 -31.49 2.28 15.16
C LEU A 363 -31.95 0.90 15.63
N ILE A 364 -31.74 -0.09 14.80
CA ILE A 364 -31.84 -1.52 15.19
C ILE A 364 -30.42 -2.05 15.32
N PRO A 365 -30.02 -2.58 16.50
CA PRO A 365 -28.79 -3.34 16.62
C PRO A 365 -28.84 -4.54 15.67
N GLY A 366 -27.77 -4.76 14.90
CA GLY A 366 -27.73 -5.86 13.93
C GLY A 366 -28.71 -5.62 12.80
N THR A 367 -29.62 -6.57 12.56
CA THR A 367 -30.54 -6.52 11.40
C THR A 367 -31.89 -7.07 11.81
N ASN A 368 -32.95 -6.64 11.13
CA ASN A 368 -34.30 -7.22 11.28
C ASN A 368 -34.35 -8.60 10.60
N ILE A 369 -33.41 -8.92 9.71
CA ILE A 369 -33.43 -10.21 8.96
C ILE A 369 -33.09 -11.36 9.92
N ASN A 370 -31.86 -11.46 10.42
CA ASN A 370 -31.54 -12.47 11.46
C ASN A 370 -30.32 -11.97 12.24
N THR A 371 -30.57 -11.29 13.37
CA THR A 371 -29.51 -10.80 14.28
C THR A 371 -29.73 -11.45 15.65
N THR B 1 35.27 -20.06 8.02
CA THR B 1 35.06 -19.71 6.59
C THR B 1 33.71 -20.26 6.10
N LYS B 2 32.63 -20.06 6.87
CA LYS B 2 31.27 -20.44 6.40
C LYS B 2 30.24 -19.40 6.89
N ILE B 3 29.21 -19.23 6.09
CA ILE B 3 28.05 -18.37 6.43
C ILE B 3 27.34 -19.07 7.57
N PRO B 4 27.01 -18.40 8.69
CA PRO B 4 26.39 -19.08 9.82
C PRO B 4 24.95 -19.49 9.51
N ARG B 5 24.55 -20.65 10.02
CA ARG B 5 23.14 -21.10 9.94
C ARG B 5 22.28 -20.15 10.77
N GLY B 6 20.99 -20.16 10.48
CA GLY B 6 20.02 -19.36 11.25
C GLY B 6 19.99 -19.79 12.71
N ASN B 7 19.78 -18.87 13.63
CA ASN B 7 19.75 -19.18 15.09
C ASN B 7 18.34 -19.55 15.52
N GLY B 8 17.34 -19.41 14.65
CA GLY B 8 15.94 -19.62 15.04
C GLY B 8 15.54 -21.09 14.95
N PRO B 9 14.31 -21.42 15.42
CA PRO B 9 13.87 -22.81 15.42
C PRO B 9 13.48 -23.38 14.04
N TYR B 10 13.11 -22.54 13.07
CA TYR B 10 12.65 -23.05 11.76
C TYR B 10 13.84 -23.47 10.92
N SER B 11 13.68 -24.54 10.14
CA SER B 11 14.69 -24.85 9.10
C SER B 11 14.38 -23.99 7.88
N VAL B 12 15.38 -23.72 7.06
CA VAL B 12 15.27 -22.64 6.04
C VAL B 12 15.46 -23.23 4.64
N GLY B 13 14.50 -22.93 3.78
CA GLY B 13 14.63 -23.24 2.35
C GLY B 13 15.04 -21.99 1.59
N CYS B 14 15.44 -22.18 0.34
CA CYS B 14 15.81 -21.04 -0.53
C CYS B 14 15.45 -21.40 -1.96
N THR B 15 14.85 -20.46 -2.67
CA THR B 15 14.69 -20.59 -4.13
C THR B 15 14.90 -19.21 -4.75
N ASP B 16 14.78 -19.17 -6.07
CA ASP B 16 14.93 -17.94 -6.88
C ASP B 16 13.66 -17.78 -7.68
N LEU B 17 13.18 -16.54 -7.81
CA LEU B 17 11.99 -16.23 -8.63
C LEU B 17 12.29 -15.05 -9.55
N MET B 18 12.11 -15.27 -10.85
CA MET B 18 12.15 -14.18 -11.86
C MET B 18 10.81 -14.15 -12.60
N PHE B 19 10.09 -13.04 -12.47
CA PHE B 19 8.82 -12.83 -13.19
C PHE B 19 8.51 -11.34 -13.28
N ASP B 20 8.27 -10.86 -14.50
CA ASP B 20 8.41 -11.62 -15.74
C ASP B 20 9.88 -11.76 -16.15
N HIS B 21 10.13 -12.14 -17.41
CA HIS B 21 11.48 -12.52 -17.89
C HIS B 21 12.30 -11.28 -18.28
N THR B 22 11.66 -10.11 -18.38
CA THR B 22 12.33 -8.90 -18.91
C THR B 22 13.13 -8.22 -17.79
N ASN B 23 13.93 -7.20 -18.15
CA ASN B 23 14.70 -6.44 -17.15
C ASN B 23 13.79 -5.47 -16.37
N LYS B 24 12.49 -5.43 -16.68
CA LYS B 24 11.45 -4.64 -15.94
C LYS B 24 10.71 -5.54 -14.97
N GLY B 25 10.92 -6.85 -15.07
CA GLY B 25 10.30 -7.84 -14.20
C GLY B 25 10.94 -7.85 -12.82
N THR B 26 10.42 -8.68 -11.94
CA THR B 26 10.97 -8.84 -10.58
C THR B 26 11.93 -10.02 -10.62
N PHE B 27 13.10 -9.83 -10.01
CA PHE B 27 14.09 -10.91 -9.77
C PHE B 27 14.42 -10.90 -8.28
N LEU B 28 14.11 -11.99 -7.59
CA LEU B 28 14.43 -12.09 -6.15
C LEU B 28 14.92 -13.49 -5.79
N ARG B 29 15.72 -13.56 -4.75
CA ARG B 29 16.00 -14.82 -4.01
C ARG B 29 15.12 -14.88 -2.76
N LEU B 30 14.41 -15.99 -2.58
CA LEU B 30 13.51 -16.16 -1.42
C LEU B 30 14.20 -17.02 -0.36
N TYR B 31 14.15 -16.55 0.89
CA TYR B 31 14.47 -17.38 2.07
C TYR B 31 13.18 -17.54 2.84
N TYR B 32 12.88 -18.76 3.26
CA TYR B 32 11.57 -19.08 3.86
C TYR B 32 11.71 -20.25 4.82
N PRO B 33 10.84 -20.34 5.85
CA PRO B 33 10.83 -21.50 6.72
C PRO B 33 10.40 -22.72 5.87
N SER B 34 11.23 -23.73 5.83
CA SER B 34 10.99 -24.95 5.00
C SER B 34 10.57 -26.11 5.91
N GLN B 35 9.87 -27.13 5.40
CA GLN B 35 9.47 -28.23 6.30
C GLN B 35 10.58 -29.28 6.33
N ASP B 36 11.27 -29.46 5.20
CA ASP B 36 12.40 -30.43 5.16
C ASP B 36 13.69 -29.71 5.55
N ASN B 37 14.53 -30.44 6.29
CA ASN B 37 15.90 -30.00 6.65
C ASN B 37 16.87 -31.06 6.12
N ASP B 38 16.59 -31.56 4.91
CA ASP B 38 17.43 -32.56 4.21
C ASP B 38 18.85 -32.03 4.10
N ARG B 39 19.05 -30.88 3.43
CA ARG B 39 20.43 -30.42 3.15
C ARG B 39 20.56 -28.89 3.21
N LEU B 40 21.80 -28.42 3.35
CA LEU B 40 22.20 -26.99 3.38
C LEU B 40 22.98 -26.70 2.10
N ASP B 41 22.33 -26.88 0.95
CA ASP B 41 23.07 -27.10 -0.33
C ASP B 41 22.84 -25.94 -1.31
N THR B 42 22.54 -24.73 -0.82
CA THR B 42 22.26 -23.59 -1.72
C THR B 42 23.59 -22.99 -2.20
N LEU B 43 23.75 -22.86 -3.51
CA LEU B 43 24.97 -22.25 -4.11
C LEU B 43 24.96 -20.73 -3.84
N TRP B 44 26.02 -20.25 -3.22
CA TRP B 44 26.10 -18.86 -2.72
C TRP B 44 26.13 -17.87 -3.88
N ILE B 45 27.01 -18.07 -4.85
CA ILE B 45 27.11 -17.13 -6.00
C ILE B 45 27.01 -17.97 -7.27
N PRO B 46 25.79 -18.12 -7.84
CA PRO B 46 25.52 -19.23 -8.76
C PRO B 46 26.00 -19.04 -10.20
N ASN B 47 26.61 -17.91 -10.56
CA ASN B 47 27.00 -17.74 -11.98
C ASN B 47 28.32 -17.02 -12.09
N LYS B 48 29.12 -17.41 -13.08
CA LYS B 48 30.46 -16.82 -13.32
C LYS B 48 30.36 -15.30 -13.53
N GLU B 49 29.32 -14.83 -14.21
CA GLU B 49 29.17 -13.38 -14.54
C GLU B 49 29.15 -12.53 -13.27
N TYR B 50 28.68 -13.07 -12.14
CA TYR B 50 28.68 -12.32 -10.87
C TYR B 50 30.13 -12.07 -10.42
N PHE B 51 31.03 -13.04 -10.63
CA PHE B 51 32.45 -12.86 -10.24
C PHE B 51 33.07 -11.84 -11.20
N TRP B 52 32.69 -11.91 -12.48
CA TRP B 52 33.23 -10.95 -13.47
C TRP B 52 32.77 -9.55 -13.06
N GLY B 53 31.50 -9.40 -12.67
CA GLY B 53 30.96 -8.11 -12.22
C GLY B 53 31.66 -7.61 -10.96
N LEU B 54 31.86 -8.50 -9.99
CA LEU B 54 32.59 -8.14 -8.75
C LEU B 54 33.97 -7.61 -9.11
N SER B 55 34.70 -8.29 -9.98
CA SER B 55 36.05 -7.86 -10.41
C SER B 55 35.95 -6.47 -11.05
N LYS B 56 34.96 -6.25 -11.92
CA LYS B 56 34.79 -4.92 -12.54
C LYS B 56 34.47 -3.88 -11.44
N PHE B 57 33.68 -4.26 -10.44
CA PHE B 57 33.33 -3.34 -9.33
C PHE B 57 34.56 -3.01 -8.48
N LEU B 58 35.36 -4.00 -8.12
CA LEU B 58 36.49 -3.83 -7.19
C LEU B 58 37.63 -3.08 -7.89
N GLY B 59 37.50 -2.88 -9.20
CA GLY B 59 38.43 -2.07 -10.01
C GLY B 59 39.55 -2.88 -10.64
N THR B 60 39.41 -4.20 -10.70
CA THR B 60 40.46 -5.11 -11.22
C THR B 60 40.05 -5.65 -12.59
N HIS B 61 40.68 -6.74 -13.05
CA HIS B 61 40.55 -7.11 -14.48
C HIS B 61 39.88 -8.47 -14.67
N TRP B 62 40.18 -9.12 -15.78
CA TRP B 62 39.61 -10.45 -16.13
C TRP B 62 40.25 -11.53 -15.27
N LEU B 63 41.56 -11.41 -14.97
CA LEU B 63 42.25 -12.42 -14.14
C LEU B 63 41.55 -12.47 -12.79
N MET B 64 41.33 -11.30 -12.18
CA MET B 64 40.72 -11.19 -10.83
C MET B 64 39.33 -11.86 -10.82
N GLY B 65 38.56 -11.77 -11.92
CA GLY B 65 37.25 -12.45 -12.05
C GLY B 65 37.40 -13.95 -11.86
N ASN B 66 38.35 -14.55 -12.59
CA ASN B 66 38.54 -16.02 -12.56
C ASN B 66 39.04 -16.46 -11.18
N ILE B 67 39.87 -15.64 -10.54
CA ILE B 67 40.42 -15.97 -9.19
C ILE B 67 39.27 -16.02 -8.19
N LEU B 68 38.43 -14.97 -8.17
CA LEU B 68 37.24 -14.94 -7.29
C LEU B 68 36.38 -16.18 -7.57
N ARG B 69 36.25 -16.54 -8.85
CA ARG B 69 35.41 -17.71 -9.25
C ARG B 69 36.03 -19.01 -8.71
N LEU B 70 37.34 -19.19 -8.82
CA LEU B 70 38.04 -20.42 -8.35
C LEU B 70 38.00 -20.48 -6.82
N LEU B 71 38.05 -19.33 -6.17
CA LEU B 71 38.03 -19.29 -4.68
C LEU B 71 36.62 -19.52 -4.13
N PHE B 72 35.57 -19.08 -4.82
CA PHE B 72 34.23 -19.02 -4.17
C PHE B 72 33.14 -19.67 -5.00
N GLY B 73 33.48 -20.16 -6.19
CA GLY B 73 32.52 -20.68 -7.18
C GLY B 73 31.69 -21.82 -6.66
N SER B 74 32.17 -22.61 -5.71
CA SER B 74 31.36 -23.77 -5.24
C SER B 74 30.97 -23.57 -3.78
N MET B 75 31.17 -22.37 -3.27
CA MET B 75 30.80 -22.08 -1.86
C MET B 75 29.26 -22.10 -1.74
N THR B 76 28.75 -22.81 -0.73
CA THR B 76 27.31 -22.91 -0.45
C THR B 76 26.91 -21.98 0.70
N THR B 77 25.61 -21.85 0.92
CA THR B 77 25.03 -21.07 2.04
C THR B 77 23.97 -21.95 2.72
N PRO B 78 23.89 -21.95 4.06
CA PRO B 78 23.06 -22.92 4.78
C PRO B 78 21.55 -22.76 4.63
N ALA B 79 21.05 -23.06 3.45
CA ALA B 79 19.60 -23.11 3.19
C ALA B 79 19.29 -24.29 2.26
N ASN B 80 18.15 -24.94 2.50
CA ASN B 80 17.67 -26.13 1.76
C ASN B 80 17.15 -25.68 0.37
N TRP B 81 17.96 -25.86 -0.67
CA TRP B 81 17.62 -25.42 -2.04
C TRP B 81 16.31 -26.04 -2.55
N ASN B 82 15.33 -25.20 -2.86
CA ASN B 82 13.98 -25.60 -3.36
C ASN B 82 13.23 -26.50 -2.38
N SER B 83 13.58 -26.49 -1.09
CA SER B 83 12.84 -27.29 -0.10
C SER B 83 11.43 -26.74 0.06
N PRO B 84 10.40 -27.59 0.25
CA PRO B 84 9.02 -27.10 0.33
C PRO B 84 8.79 -26.10 1.47
N LEU B 85 7.86 -25.18 1.23
CA LEU B 85 7.53 -24.15 2.23
C LEU B 85 6.79 -24.82 3.39
N ARG B 86 7.20 -24.51 4.61
CA ARG B 86 6.51 -25.06 5.80
C ARG B 86 5.07 -24.57 5.83
N PRO B 87 4.07 -25.48 5.70
CA PRO B 87 2.67 -25.06 5.65
C PRO B 87 2.09 -24.76 7.04
N GLY B 88 0.84 -24.29 7.04
CA GLY B 88 -0.04 -24.20 8.23
C GLY B 88 0.07 -22.86 8.95
N GLU B 89 0.67 -21.84 8.35
CA GLU B 89 0.88 -20.55 9.05
C GLU B 89 1.14 -19.44 8.02
N LYS B 90 0.73 -18.22 8.38
CA LYS B 90 1.05 -17.01 7.59
C LYS B 90 2.31 -16.35 8.14
N TYR B 91 3.23 -15.96 7.26
CA TYR B 91 4.55 -15.46 7.68
C TYR B 91 4.62 -13.97 7.42
N PRO B 92 5.24 -13.20 8.33
CA PRO B 92 5.58 -11.82 8.03
C PRO B 92 6.60 -11.83 6.87
N LEU B 93 6.66 -10.72 6.15
CA LEU B 93 7.48 -10.58 4.91
C LEU B 93 8.47 -9.43 5.04
N VAL B 94 9.72 -9.74 4.79
CA VAL B 94 10.78 -8.71 4.62
C VAL B 94 11.16 -8.68 3.16
N VAL B 95 11.17 -7.49 2.57
CA VAL B 95 11.83 -7.24 1.27
C VAL B 95 13.22 -6.64 1.55
N PHE B 96 14.27 -7.23 0.95
CA PHE B 96 15.67 -6.88 1.28
C PHE B 96 16.32 -6.28 0.05
N SER B 97 16.98 -5.14 0.23
CA SER B 97 17.67 -4.39 -0.84
C SER B 97 19.18 -4.43 -0.61
N HIS B 98 19.92 -4.96 -1.59
CA HIS B 98 21.40 -5.11 -1.56
C HIS B 98 22.11 -3.78 -1.84
N GLY B 99 23.40 -3.73 -1.49
CA GLY B 99 24.23 -2.52 -1.67
C GLY B 99 24.77 -2.36 -3.09
N LEU B 100 25.39 -1.22 -3.35
CA LEU B 100 26.10 -0.97 -4.63
C LEU B 100 27.21 -2.01 -4.80
N GLY B 101 27.26 -2.63 -5.97
CA GLY B 101 28.23 -3.66 -6.33
C GLY B 101 27.86 -5.03 -5.79
N ALA B 102 26.76 -5.14 -5.05
CA ALA B 102 26.27 -6.45 -4.56
C ALA B 102 25.22 -6.97 -5.55
N PHE B 103 24.41 -7.90 -5.07
CA PHE B 103 23.35 -8.62 -5.83
C PHE B 103 22.60 -9.48 -4.81
N ARG B 104 21.61 -10.24 -5.26
CA ARG B 104 20.55 -10.76 -4.36
C ARG B 104 21.10 -11.79 -3.36
N THR B 105 22.21 -12.46 -3.66
CA THR B 105 22.63 -13.66 -2.89
C THR B 105 23.62 -13.34 -1.76
N LEU B 106 24.06 -12.09 -1.64
CA LEU B 106 25.21 -11.71 -0.79
C LEU B 106 24.81 -11.36 0.63
N TYR B 107 23.53 -11.46 0.97
CA TYR B 107 23.07 -11.18 2.35
C TYR B 107 22.31 -12.39 2.90
N SER B 108 22.83 -13.59 2.64
CA SER B 108 22.16 -14.84 3.07
C SER B 108 22.27 -14.97 4.60
N ALA B 109 23.36 -14.50 5.21
CA ALA B 109 23.54 -14.56 6.69
C ALA B 109 22.30 -13.91 7.33
N ILE B 110 21.90 -12.75 6.83
CA ILE B 110 20.71 -12.05 7.38
C ILE B 110 19.45 -12.81 6.95
N GLY B 111 19.32 -13.12 5.66
CA GLY B 111 18.06 -13.67 5.14
C GLY B 111 17.73 -14.99 5.83
N ILE B 112 18.74 -15.84 6.00
CA ILE B 112 18.54 -17.19 6.60
C ILE B 112 18.18 -17.04 8.07
N ASP B 113 18.84 -16.16 8.80
CA ASP B 113 18.50 -15.95 10.23
C ASP B 113 17.05 -15.48 10.35
N LEU B 114 16.61 -14.57 9.48
CA LEU B 114 15.21 -14.07 9.58
C LEU B 114 14.27 -15.24 9.23
N ALA B 115 14.57 -16.00 8.17
CA ALA B 115 13.72 -17.15 7.77
C ALA B 115 13.63 -18.15 8.92
N SER B 116 14.75 -18.41 9.59
CA SER B 116 14.82 -19.37 10.72
C SER B 116 13.98 -18.88 11.92
N HIS B 117 13.53 -17.63 11.90
CA HIS B 117 12.65 -17.07 12.95
C HIS B 117 11.22 -16.91 12.43
N GLY B 118 10.89 -17.49 11.27
CA GLY B 118 9.49 -17.49 10.79
C GLY B 118 9.17 -16.36 9.84
N PHE B 119 10.19 -15.75 9.22
CA PHE B 119 9.96 -14.72 8.17
C PHE B 119 10.11 -15.37 6.80
N ILE B 120 9.34 -14.88 5.86
CA ILE B 120 9.71 -15.04 4.44
C ILE B 120 10.53 -13.81 4.05
N VAL B 121 11.69 -14.02 3.42
CA VAL B 121 12.59 -12.90 3.02
C VAL B 121 12.70 -12.88 1.49
N ALA B 122 12.34 -11.76 0.88
CA ALA B 122 12.49 -11.56 -0.58
C ALA B 122 13.68 -10.62 -0.87
N ALA B 123 14.85 -11.19 -1.18
CA ALA B 123 16.07 -10.42 -1.47
C ALA B 123 16.05 -10.05 -2.95
N VAL B 124 15.70 -8.82 -3.26
CA VAL B 124 15.55 -8.43 -4.68
C VAL B 124 16.93 -8.33 -5.29
N GLU B 125 17.00 -8.57 -6.60
CA GLU B 125 18.18 -8.21 -7.39
C GLU B 125 17.78 -6.97 -8.19
N HIS B 126 18.47 -5.87 -7.96
CA HIS B 126 18.13 -4.61 -8.65
C HIS B 126 18.63 -4.61 -10.09
N ARG B 127 17.88 -3.97 -10.95
CA ARG B 127 18.22 -3.79 -12.38
C ARG B 127 18.51 -2.31 -12.67
N ASP B 128 18.84 -1.53 -11.64
CA ASP B 128 19.14 -0.09 -11.76
C ASP B 128 20.58 0.11 -12.20
N ARG B 129 21.28 -0.99 -12.53
CA ARG B 129 22.73 -1.04 -12.89
C ARG B 129 23.58 -0.68 -11.66
N SER B 130 23.07 -0.90 -10.46
CA SER B 130 23.86 -0.81 -9.20
C SER B 130 24.40 -2.18 -8.85
N ALA B 131 23.80 -3.26 -9.36
CA ALA B 131 24.31 -4.62 -9.06
C ALA B 131 25.63 -4.83 -9.82
N SER B 132 26.60 -5.49 -9.19
CA SER B 132 27.85 -5.89 -9.87
C SER B 132 27.49 -6.54 -11.19
N ALA B 133 26.53 -7.45 -11.14
CA ALA B 133 25.89 -8.01 -12.35
C ALA B 133 24.48 -8.45 -12.01
N THR B 134 23.65 -8.52 -13.04
CA THR B 134 22.34 -9.19 -12.99
C THR B 134 22.02 -9.63 -14.39
N TYR B 135 20.94 -10.38 -14.53
CA TYR B 135 20.54 -10.85 -15.88
C TYR B 135 19.05 -10.84 -16.02
N TYR B 136 18.63 -10.90 -17.28
CA TYR B 136 17.23 -11.08 -17.73
C TYR B 136 17.27 -11.86 -19.05
N PHE B 137 16.10 -11.98 -19.64
CA PHE B 137 15.92 -12.75 -20.89
C PHE B 137 15.25 -11.84 -21.90
N LYS B 138 15.71 -11.89 -23.14
CA LYS B 138 15.22 -10.94 -24.16
C LYS B 138 13.84 -11.35 -24.64
N ASP B 139 13.49 -12.62 -24.54
CA ASP B 139 12.13 -13.10 -24.87
C ASP B 139 11.93 -14.43 -24.19
N GLN B 140 10.72 -14.96 -24.28
CA GLN B 140 10.37 -16.27 -23.69
C GLN B 140 11.30 -17.36 -24.23
N SER B 141 11.66 -17.33 -25.51
CA SER B 141 12.50 -18.40 -26.14
C SER B 141 13.88 -18.41 -25.49
N ALA B 142 14.47 -17.23 -25.30
CA ALA B 142 15.78 -17.12 -24.62
C ALA B 142 15.64 -17.72 -23.21
N ALA B 143 14.56 -17.40 -22.48
CA ALA B 143 14.27 -17.97 -21.13
C ALA B 143 14.17 -19.50 -21.22
N GLU B 144 13.42 -20.02 -22.20
CA GLU B 144 13.23 -21.48 -22.37
C GLU B 144 14.58 -22.19 -22.51
N ILE B 145 15.57 -21.50 -23.07
CA ILE B 145 16.91 -22.11 -23.38
C ILE B 145 17.96 -21.69 -22.35
N GLY B 146 17.58 -20.87 -21.36
CA GLY B 146 18.54 -20.37 -20.35
C GLY B 146 19.54 -19.44 -21.01
N ASP B 147 19.11 -18.70 -22.02
CA ASP B 147 20.00 -17.79 -22.80
C ASP B 147 19.98 -16.41 -22.14
N LYS B 148 20.88 -16.20 -21.19
CA LYS B 148 20.88 -15.01 -20.30
C LYS B 148 21.47 -13.80 -21.03
N SER B 149 20.89 -12.63 -20.78
CA SER B 149 21.47 -11.31 -21.15
C SER B 149 21.92 -10.61 -19.87
N TRP B 150 23.22 -10.37 -19.77
CA TRP B 150 23.82 -9.84 -18.53
C TRP B 150 23.91 -8.32 -18.62
N LEU B 151 23.67 -7.66 -17.50
CA LEU B 151 23.83 -6.18 -17.35
C LEU B 151 24.79 -5.96 -16.19
N TYR B 152 25.89 -5.26 -16.46
CA TYR B 152 26.94 -5.07 -15.45
C TYR B 152 26.78 -3.71 -14.77
N LEU B 153 27.36 -3.60 -13.59
CA LEU B 153 27.45 -2.31 -12.87
C LEU B 153 27.82 -1.19 -13.85
N ARG B 154 27.11 -0.07 -13.77
CA ARG B 154 27.55 1.17 -14.46
C ARG B 154 28.47 1.98 -13.54
N THR B 155 29.60 2.42 -14.08
CA THR B 155 30.51 3.36 -13.39
C THR B 155 30.18 4.78 -13.85
N LEU B 156 30.11 5.71 -12.92
CA LEU B 156 29.66 7.08 -13.18
C LEU B 156 30.83 8.05 -13.07
N LYS B 157 30.75 9.13 -13.86
CA LYS B 157 31.61 10.33 -13.70
C LYS B 157 31.09 11.13 -12.51
N GLN B 158 31.93 12.00 -11.96
CA GLN B 158 31.62 12.83 -10.76
C GLN B 158 30.40 13.72 -11.04
N GLU B 159 30.35 14.39 -12.19
CA GLU B 159 29.23 15.31 -12.57
C GLU B 159 27.91 14.54 -12.63
N GLU B 160 27.95 13.21 -12.77
CA GLU B 160 26.77 12.32 -12.98
C GLU B 160 26.18 11.83 -11.66
N GLU B 161 26.96 11.82 -10.58
CA GLU B 161 26.66 10.94 -9.42
C GLU B 161 25.38 11.39 -8.72
N THR B 162 25.28 12.66 -8.38
CA THR B 162 24.10 13.23 -7.69
C THR B 162 22.82 12.81 -8.41
N HIS B 163 22.72 13.07 -9.71
CA HIS B 163 21.48 12.83 -10.47
C HIS B 163 21.23 11.32 -10.57
N ILE B 164 22.24 10.58 -11.00
CA ILE B 164 22.07 9.14 -11.40
C ILE B 164 21.71 8.35 -10.15
N ARG B 165 22.40 8.60 -9.04
CA ARG B 165 22.16 7.85 -7.78
C ARG B 165 20.70 8.04 -7.36
N ASN B 166 20.19 9.27 -7.44
CA ASN B 166 18.79 9.57 -7.03
C ASN B 166 17.80 8.82 -7.94
N GLU B 167 18.02 8.82 -9.24
CA GLU B 167 17.16 8.03 -10.18
C GLU B 167 17.30 6.55 -9.85
N GLN B 168 18.49 6.07 -9.54
CA GLN B 168 18.67 4.64 -9.20
C GLN B 168 17.88 4.33 -7.94
N VAL B 169 17.93 5.18 -6.91
CA VAL B 169 17.18 4.87 -5.65
C VAL B 169 15.67 4.91 -5.95
N ARG B 170 15.24 5.70 -6.92
CA ARG B 170 13.80 5.68 -7.28
C ARG B 170 13.51 4.36 -7.98
N GLN B 171 14.43 3.87 -8.83
CA GLN B 171 14.19 2.57 -9.48
C GLN B 171 14.18 1.46 -8.41
N ARG B 172 15.09 1.54 -7.44
CA ARG B 172 15.18 0.52 -6.36
C ARG B 172 13.86 0.48 -5.58
N ALA B 173 13.31 1.64 -5.23
CA ALA B 173 12.04 1.69 -4.48
C ALA B 173 10.94 1.08 -5.37
N LYS B 174 10.92 1.39 -6.66
CA LYS B 174 9.90 0.82 -7.55
C LYS B 174 10.06 -0.69 -7.52
N GLU B 175 11.30 -1.18 -7.56
CA GLU B 175 11.52 -2.64 -7.67
C GLU B 175 11.13 -3.30 -6.34
N CYS B 176 11.34 -2.64 -5.21
CA CYS B 176 10.90 -3.19 -3.90
C CYS B 176 9.37 -3.29 -3.85
N SER B 177 8.68 -2.24 -4.29
CA SER B 177 7.21 -2.17 -4.34
C SER B 177 6.66 -3.23 -5.30
N GLN B 178 7.27 -3.39 -6.45
CA GLN B 178 6.86 -4.40 -7.47
C GLN B 178 7.06 -5.81 -6.89
N ALA B 179 8.15 -6.06 -6.20
CA ALA B 179 8.37 -7.41 -5.64
C ALA B 179 7.31 -7.69 -4.56
N LEU B 180 6.99 -6.72 -3.73
CA LEU B 180 5.93 -6.88 -2.71
C LEU B 180 4.60 -7.19 -3.41
N SER B 181 4.25 -6.39 -4.42
CA SER B 181 2.98 -6.53 -5.17
C SER B 181 2.91 -7.95 -5.75
N LEU B 182 4.01 -8.43 -6.32
CA LEU B 182 4.10 -9.80 -6.87
C LEU B 182 3.84 -10.82 -5.77
N ILE B 183 4.54 -10.71 -4.66
CA ILE B 183 4.39 -11.71 -3.57
C ILE B 183 2.93 -11.68 -3.11
N LEU B 184 2.35 -10.48 -2.97
CA LEU B 184 0.98 -10.33 -2.44
C LEU B 184 -0.03 -10.92 -3.44
N ASP B 185 0.17 -10.70 -4.73
CA ASP B 185 -0.71 -11.29 -5.76
C ASP B 185 -0.58 -12.82 -5.70
N ILE B 186 0.64 -13.33 -5.51
CA ILE B 186 0.85 -14.80 -5.47
C ILE B 186 0.11 -15.34 -4.23
N ASP B 187 0.19 -14.61 -3.12
CA ASP B 187 -0.55 -14.95 -1.88
C ASP B 187 -2.04 -15.10 -2.19
N HIS B 188 -2.58 -14.32 -3.11
CA HIS B 188 -4.03 -14.35 -3.47
C HIS B 188 -4.27 -15.16 -4.76
N GLY B 189 -3.36 -16.06 -5.13
CA GLY B 189 -3.60 -17.07 -6.19
C GLY B 189 -3.25 -16.58 -7.59
N LYS B 190 -2.44 -15.54 -7.73
CA LYS B 190 -2.02 -15.12 -9.09
C LYS B 190 -1.09 -16.19 -9.66
N PRO B 191 -1.42 -16.79 -10.84
CA PRO B 191 -0.54 -17.78 -11.43
C PRO B 191 0.68 -17.05 -12.00
N VAL B 192 1.86 -17.58 -11.72
CA VAL B 192 3.13 -17.01 -12.23
C VAL B 192 3.91 -18.15 -12.85
N LYS B 193 4.55 -17.86 -13.95
CA LYS B 193 5.51 -18.79 -14.60
C LYS B 193 6.91 -18.24 -14.32
N ASN B 194 7.64 -18.93 -13.46
CA ASN B 194 9.04 -18.59 -13.13
C ASN B 194 9.90 -18.69 -14.39
N ALA B 195 10.53 -17.59 -14.82
CA ALA B 195 11.39 -17.57 -16.02
C ALA B 195 12.55 -18.55 -15.81
N LEU B 196 12.94 -18.77 -14.55
CA LEU B 196 13.90 -19.83 -14.21
C LEU B 196 13.04 -21.08 -14.07
N ASP B 197 13.54 -22.27 -14.31
CA ASP B 197 12.58 -23.40 -14.22
C ASP B 197 13.05 -24.25 -13.04
N LEU B 198 12.62 -23.92 -11.83
CA LEU B 198 13.12 -24.61 -10.61
C LEU B 198 12.04 -25.53 -10.04
N LYS B 199 12.43 -26.51 -9.21
CA LYS B 199 11.55 -27.53 -8.58
C LYS B 199 10.54 -26.84 -7.67
N PHE B 200 10.86 -25.69 -7.09
CA PHE B 200 9.97 -25.03 -6.12
C PHE B 200 8.71 -24.52 -6.83
N ASP B 201 7.55 -24.98 -6.36
CA ASP B 201 6.23 -24.58 -6.95
C ASP B 201 5.72 -23.33 -6.24
N MET B 202 5.70 -22.20 -6.94
CA MET B 202 5.37 -20.88 -6.35
C MET B 202 3.95 -20.87 -5.78
N GLU B 203 3.09 -21.80 -6.18
CA GLU B 203 1.69 -21.84 -5.69
C GLU B 203 1.63 -22.24 -4.20
N GLN B 204 2.69 -22.86 -3.67
CA GLN B 204 2.90 -23.05 -2.21
C GLN B 204 2.67 -21.75 -1.44
N LEU B 205 3.01 -20.59 -2.02
CA LEU B 205 2.94 -19.32 -1.26
C LEU B 205 1.49 -18.81 -1.21
N LYS B 206 0.55 -19.48 -1.86
CA LYS B 206 -0.88 -19.08 -1.73
C LYS B 206 -1.30 -19.07 -0.25
N ASP B 207 -1.95 -17.99 0.18
CA ASP B 207 -2.44 -17.78 1.58
C ASP B 207 -1.29 -17.98 2.59
N SER B 208 -0.06 -17.62 2.25
CA SER B 208 1.12 -17.88 3.11
C SER B 208 1.69 -16.62 3.74
N ILE B 209 1.14 -15.46 3.39
CA ILE B 209 1.71 -14.14 3.79
C ILE B 209 0.78 -13.48 4.78
N ASP B 210 1.36 -12.97 5.87
CA ASP B 210 0.66 -12.04 6.79
C ASP B 210 0.76 -10.65 6.19
N ARG B 211 -0.26 -10.27 5.44
CA ARG B 211 -0.22 -9.11 4.52
C ARG B 211 -0.20 -7.80 5.30
N GLU B 212 -0.36 -7.83 6.61
CA GLU B 212 -0.30 -6.62 7.47
C GLU B 212 1.12 -6.44 8.03
N LYS B 213 1.99 -7.45 7.90
CA LYS B 213 3.31 -7.44 8.56
C LYS B 213 4.40 -7.48 7.49
N ILE B 214 4.57 -6.33 6.87
CA ILE B 214 5.54 -6.13 5.76
C ILE B 214 6.62 -5.16 6.24
N ALA B 215 7.87 -5.54 6.06
CA ALA B 215 9.02 -4.67 6.41
C ALA B 215 9.99 -4.63 5.24
N VAL B 216 10.79 -3.56 5.18
CA VAL B 216 11.87 -3.43 4.16
C VAL B 216 13.19 -3.22 4.90
N ILE B 217 14.20 -3.99 4.52
CA ILE B 217 15.54 -3.98 5.13
C ILE B 217 16.54 -3.84 3.99
N GLY B 218 17.66 -3.19 4.25
CA GLY B 218 18.66 -3.02 3.20
C GLY B 218 19.96 -2.46 3.74
N HIS B 219 21.02 -2.76 3.01
CA HIS B 219 22.41 -2.41 3.40
C HIS B 219 22.95 -1.38 2.42
N SER B 220 23.54 -0.33 2.95
CA SER B 220 24.30 0.65 2.16
C SER B 220 23.36 1.35 1.17
N PHE B 221 23.56 1.22 -0.14
CA PHE B 221 22.56 1.70 -1.13
C PHE B 221 21.18 1.11 -0.81
N GLY B 222 21.15 -0.13 -0.34
CA GLY B 222 19.92 -0.77 0.13
C GLY B 222 19.31 -0.02 1.31
N GLY B 223 20.11 0.64 2.13
CA GLY B 223 19.57 1.39 3.27
C GLY B 223 18.91 2.68 2.84
N ALA B 224 19.44 3.34 1.82
CA ALA B 224 18.74 4.47 1.19
C ALA B 224 17.44 3.93 0.57
N THR B 225 17.49 2.71 0.04
CA THR B 225 16.34 2.12 -0.68
C THR B 225 15.21 1.93 0.32
N VAL B 226 15.56 1.51 1.53
CA VAL B 226 14.59 1.38 2.64
C VAL B 226 13.84 2.71 2.81
N ILE B 227 14.58 3.81 2.91
CA ILE B 227 13.95 5.12 3.17
C ILE B 227 13.07 5.51 1.98
N GLN B 228 13.57 5.37 0.77
CA GLN B 228 12.78 5.78 -0.42
C GLN B 228 11.53 4.91 -0.52
N THR B 229 11.67 3.61 -0.26
CA THR B 229 10.54 2.66 -0.35
C THR B 229 9.48 3.02 0.70
N LEU B 230 9.90 3.22 1.95
CA LEU B 230 8.97 3.63 3.02
C LEU B 230 8.22 4.90 2.55
N SER B 231 8.93 5.91 2.09
CA SER B 231 8.31 7.18 1.66
C SER B 231 7.27 6.92 0.54
N GLU B 232 7.52 5.99 -0.37
CA GLU B 232 6.66 5.81 -1.57
C GLU B 232 5.51 4.84 -1.32
N ASP B 233 5.68 3.87 -0.41
CA ASP B 233 4.81 2.68 -0.35
C ASP B 233 4.32 2.49 1.09
N GLN B 234 3.11 2.97 1.36
CA GLN B 234 2.47 2.92 2.70
C GLN B 234 2.16 1.46 3.11
N ARG B 235 2.26 0.46 2.23
CA ARG B 235 2.08 -0.97 2.64
C ARG B 235 3.21 -1.42 3.56
N PHE B 236 4.42 -0.90 3.38
CA PHE B 236 5.55 -1.30 4.26
C PHE B 236 5.30 -0.66 5.63
N ARG B 237 5.41 -1.45 6.68
CA ARG B 237 5.01 -0.95 8.01
C ARG B 237 6.23 -0.45 8.79
N CYS B 238 7.43 -0.93 8.48
CA CYS B 238 8.62 -0.37 9.13
C CYS B 238 9.84 -0.70 8.28
N GLY B 239 10.94 -0.05 8.61
CA GLY B 239 12.18 -0.22 7.85
C GLY B 239 13.36 -0.35 8.77
N ILE B 240 14.32 -1.14 8.31
CA ILE B 240 15.64 -1.22 8.98
C ILE B 240 16.73 -0.91 7.93
N ALA B 241 17.49 0.16 8.18
CA ALA B 241 18.61 0.58 7.32
C ALA B 241 19.92 0.12 7.95
N LEU B 242 20.59 -0.83 7.30
CA LEU B 242 21.91 -1.34 7.76
C LEU B 242 22.99 -0.50 7.06
N ASP B 243 23.69 0.32 7.84
CA ASP B 243 24.77 1.20 7.31
C ASP B 243 24.26 1.89 6.05
N ALA B 244 23.14 2.60 6.18
CA ALA B 244 22.54 3.39 5.10
C ALA B 244 23.62 4.29 4.47
N TRP B 245 23.68 4.30 3.14
CA TRP B 245 24.43 5.32 2.38
C TRP B 245 23.41 6.36 1.92
N MET B 246 23.48 7.57 2.45
CA MET B 246 22.33 8.50 2.35
C MET B 246 22.44 9.37 1.10
N PHE B 247 23.61 9.40 0.47
CA PHE B 247 23.87 10.27 -0.70
C PHE B 247 22.74 10.18 -1.74
N PRO B 248 22.23 9.00 -2.15
CA PRO B 248 21.24 8.96 -3.22
C PRO B 248 19.91 9.69 -2.94
N LEU B 249 19.58 9.97 -1.67
CA LEU B 249 18.25 10.50 -1.32
C LEU B 249 18.17 11.99 -1.66
N GLY B 250 17.02 12.43 -2.17
CA GLY B 250 16.70 13.85 -2.30
C GLY B 250 16.31 14.47 -0.97
N ASP B 251 16.47 15.79 -0.85
CA ASP B 251 16.14 16.60 0.35
C ASP B 251 14.67 16.43 0.78
N GLU B 252 13.80 16.06 -0.13
CA GLU B 252 12.33 16.00 0.13
C GLU B 252 11.94 14.79 1.00
N VAL B 253 12.75 13.73 1.08
CA VAL B 253 12.26 12.43 1.63
C VAL B 253 12.27 12.45 3.14
N TYR B 254 13.20 13.18 3.77
CA TYR B 254 13.37 13.13 5.26
C TYR B 254 12.12 13.53 6.01
N SER B 255 11.33 14.47 5.48
CA SER B 255 10.01 14.87 6.01
C SER B 255 8.98 13.76 5.80
N ARG B 256 9.22 12.80 4.90
CA ARG B 256 8.10 12.01 4.29
C ARG B 256 8.25 10.52 4.58
N ILE B 257 8.68 10.18 5.80
CA ILE B 257 8.80 8.77 6.26
C ILE B 257 7.89 8.60 7.47
N PRO B 258 6.61 8.23 7.28
CA PRO B 258 5.75 8.02 8.44
C PRO B 258 6.09 6.78 9.28
N GLN B 259 6.64 5.73 8.69
CA GLN B 259 6.80 4.44 9.39
C GLN B 259 7.99 4.49 10.36
N PRO B 260 7.96 3.65 11.42
CA PRO B 260 9.15 3.42 12.25
C PRO B 260 10.38 3.02 11.42
N LEU B 261 11.51 3.65 11.74
CA LEU B 261 12.76 3.49 10.96
C LEU B 261 13.91 3.26 11.94
N PHE B 262 14.68 2.22 11.69
CA PHE B 262 15.79 1.77 12.56
C PHE B 262 17.10 1.85 11.75
N PHE B 263 18.08 2.58 12.28
CA PHE B 263 19.44 2.70 11.68
C PHE B 263 20.40 1.78 12.45
N ILE B 264 20.89 0.77 11.79
CA ILE B 264 21.96 -0.09 12.36
C ILE B 264 23.23 0.21 11.59
N ASN B 265 24.19 0.86 12.27
CA ASN B 265 25.45 1.34 11.68
C ASN B 265 26.64 0.47 12.10
N SER B 266 27.61 0.38 11.19
CA SER B 266 28.98 -0.03 11.55
C SER B 266 29.72 1.18 12.12
N GLU B 267 30.79 0.93 12.86
CA GLU B 267 31.49 2.05 13.51
C GLU B 267 32.34 2.78 12.47
N TYR B 268 33.08 2.03 11.67
CA TYR B 268 34.15 2.60 10.82
C TYR B 268 33.66 3.05 9.45
N PHE B 269 32.45 2.70 9.05
CA PHE B 269 31.90 3.25 7.79
C PHE B 269 31.43 4.71 7.95
N GLN B 270 30.91 5.09 9.12
CA GLN B 270 30.09 6.32 9.20
C GLN B 270 30.96 7.59 9.18
N TYR B 271 30.34 8.67 8.75
CA TYR B 271 30.99 10.00 8.63
C TYR B 271 29.92 11.05 8.82
N PRO B 272 30.28 12.26 9.27
CA PRO B 272 29.27 13.25 9.64
C PRO B 272 28.25 13.54 8.54
N ALA B 273 28.67 13.75 7.31
CA ALA B 273 27.75 14.15 6.22
C ALA B 273 26.68 13.07 6.06
N ASN B 274 27.02 11.81 6.36
CA ASN B 274 26.06 10.69 6.27
C ASN B 274 25.16 10.72 7.50
N ILE B 275 25.75 10.90 8.67
CA ILE B 275 25.00 10.88 9.95
C ILE B 275 23.97 12.01 9.94
N ILE B 276 24.34 13.17 9.45
CA ILE B 276 23.43 14.35 9.51
C ILE B 276 22.17 14.04 8.69
N LYS B 277 22.29 13.28 7.61
CA LYS B 277 21.15 12.92 6.75
C LYS B 277 20.25 11.96 7.52
N MET B 278 20.83 11.02 8.25
CA MET B 278 20.00 10.14 9.09
C MET B 278 19.22 11.02 10.07
N LYS B 279 19.89 11.97 10.72
CA LYS B 279 19.21 12.78 11.78
C LYS B 279 18.15 13.69 11.18
N LYS B 280 18.29 14.05 9.92
CA LYS B 280 17.22 14.80 9.23
C LYS B 280 15.93 13.96 9.16
N CYS B 281 16.03 12.63 9.32
CA CYS B 281 14.84 11.75 9.27
C CYS B 281 14.03 11.83 10.57
N TYR B 282 14.61 12.36 11.66
CA TYR B 282 14.01 12.28 13.02
C TYR B 282 12.93 13.36 13.15
N SER B 283 11.88 13.00 13.88
CA SER B 283 10.78 13.93 14.24
C SER B 283 10.15 13.45 15.54
N PRO B 284 9.82 14.36 16.49
CA PRO B 284 9.20 13.93 17.75
C PRO B 284 7.94 13.09 17.56
N ASP B 285 7.21 13.29 16.46
CA ASP B 285 5.97 12.53 16.15
C ASP B 285 6.31 11.24 15.38
N LYS B 286 7.57 10.81 15.31
CA LYS B 286 7.93 9.61 14.52
C LYS B 286 8.91 8.73 15.28
N GLU B 287 8.79 7.43 15.07
CA GLU B 287 9.62 6.44 15.78
C GLU B 287 10.91 6.23 14.99
N ARG B 288 12.05 6.55 15.62
CA ARG B 288 13.39 6.35 15.04
C ARG B 288 14.33 5.81 16.10
N LYS B 289 15.11 4.81 15.73
CA LYS B 289 16.17 4.30 16.62
C LYS B 289 17.46 4.18 15.82
N MET B 290 18.57 4.24 16.54
CA MET B 290 19.92 4.10 15.94
C MET B 290 20.84 3.46 16.94
N ILE B 291 21.61 2.50 16.47
CA ILE B 291 22.73 1.89 17.23
C ILE B 291 23.90 1.80 16.30
N THR B 292 25.07 1.68 16.91
CA THR B 292 26.35 1.43 16.22
C THR B 292 26.98 0.18 16.83
N ILE B 293 27.38 -0.75 15.97
CA ILE B 293 28.11 -1.96 16.43
C ILE B 293 29.59 -1.59 16.58
N ARG B 294 30.06 -1.59 17.82
CA ARG B 294 31.46 -1.23 18.18
C ARG B 294 32.44 -2.12 17.43
N GLY B 295 33.49 -1.51 16.87
CA GLY B 295 34.59 -2.22 16.16
C GLY B 295 34.19 -2.75 14.79
N SER B 296 33.00 -2.45 14.28
CA SER B 296 32.48 -3.09 13.05
C SER B 296 32.86 -2.24 11.84
N VAL B 297 32.94 -2.91 10.68
CA VAL B 297 33.20 -2.26 9.38
C VAL B 297 31.97 -2.43 8.49
N HIS B 298 31.97 -1.74 7.37
CA HIS B 298 30.84 -1.72 6.41
C HIS B 298 30.43 -3.15 6.05
N GLN B 299 31.42 -3.99 5.78
CA GLN B 299 31.21 -5.33 5.20
C GLN B 299 30.72 -6.33 6.25
N ASN B 300 30.62 -5.94 7.52
CA ASN B 300 30.15 -6.89 8.57
C ASN B 300 28.70 -7.30 8.28
N PHE B 301 27.94 -6.50 7.51
CA PHE B 301 26.53 -6.83 7.24
C PHE B 301 26.39 -7.80 6.06
N ALA B 302 27.42 -7.95 5.23
CA ALA B 302 27.36 -8.74 3.98
C ALA B 302 28.14 -10.04 4.14
N ASP B 303 27.86 -11.00 3.27
CA ASP B 303 28.28 -12.42 3.47
C ASP B 303 29.78 -12.57 3.29
N PHE B 304 30.44 -11.62 2.62
CA PHE B 304 31.91 -11.72 2.42
C PHE B 304 32.68 -11.63 3.75
N THR B 305 32.03 -11.16 4.81
CA THR B 305 32.66 -11.13 6.17
C THR B 305 32.87 -12.56 6.71
N PHE B 306 32.17 -13.56 6.16
CA PHE B 306 32.33 -14.98 6.56
C PHE B 306 33.10 -15.77 5.50
N ALA B 307 33.57 -15.14 4.43
CA ALA B 307 34.14 -15.86 3.28
C ALA B 307 35.65 -16.07 3.38
N THR B 308 36.38 -15.38 4.25
CA THR B 308 37.85 -15.58 4.36
C THR B 308 38.28 -15.80 5.80
N GLY B 309 39.59 -15.96 5.99
CA GLY B 309 40.21 -16.09 7.34
C GLY B 309 40.24 -14.74 8.02
N LYS B 310 40.42 -14.75 9.34
CA LYS B 310 40.52 -13.52 10.19
C LYS B 310 41.56 -12.56 9.60
N ILE B 311 42.73 -13.05 9.21
CA ILE B 311 43.86 -12.15 8.86
C ILE B 311 43.60 -11.53 7.49
N ILE B 312 43.29 -12.33 6.46
CA ILE B 312 42.95 -11.72 5.15
C ILE B 312 41.69 -10.88 5.36
N GLY B 313 40.74 -11.37 6.15
CA GLY B 313 39.48 -10.66 6.37
C GLY B 313 39.77 -9.22 6.73
N HIS B 314 40.64 -9.03 7.73
CA HIS B 314 40.99 -7.67 8.22
C HIS B 314 41.78 -6.90 7.18
N MET B 315 42.70 -7.57 6.49
CA MET B 315 43.52 -6.87 5.48
C MET B 315 42.60 -6.34 4.39
N LEU B 316 41.62 -7.13 3.94
CA LEU B 316 40.74 -6.71 2.82
C LEU B 316 39.60 -5.80 3.32
N LYS B 317 39.54 -5.55 4.63
CA LYS B 317 38.46 -4.75 5.27
C LYS B 317 37.13 -5.52 5.22
N LEU B 318 37.16 -6.84 5.06
CA LEU B 318 35.92 -7.66 5.14
C LEU B 318 35.54 -7.90 6.60
N LYS B 319 36.47 -7.75 7.50
CA LYS B 319 36.24 -8.03 8.94
C LYS B 319 36.68 -6.83 9.74
N GLY B 320 36.01 -6.60 10.87
CA GLY B 320 36.38 -5.53 11.80
C GLY B 320 37.15 -6.08 12.97
N ASP B 321 37.19 -5.35 14.07
CA ASP B 321 37.81 -5.84 15.33
C ASP B 321 36.87 -6.84 15.98
N ILE B 322 35.58 -6.56 15.93
CA ILE B 322 34.56 -7.45 16.52
C ILE B 322 34.48 -8.72 15.66
N ASP B 323 34.18 -9.86 16.29
CA ASP B 323 33.98 -11.13 15.57
C ASP B 323 32.79 -10.99 14.60
N SER B 324 32.90 -11.57 13.43
CA SER B 324 31.87 -11.44 12.35
C SER B 324 30.56 -12.08 12.81
N ASN B 325 30.62 -13.22 13.49
CA ASN B 325 29.40 -13.86 14.04
C ASN B 325 28.83 -13.01 15.17
N VAL B 326 29.67 -12.44 16.03
CA VAL B 326 29.13 -11.60 17.14
C VAL B 326 28.41 -10.37 16.54
N ALA B 327 28.99 -9.75 15.51
CA ALA B 327 28.42 -8.52 14.93
C ALA B 327 27.08 -8.85 14.25
N ILE B 328 27.01 -9.93 13.47
CA ILE B 328 25.76 -10.21 12.71
C ILE B 328 24.69 -10.64 13.72
N ASP B 329 25.11 -11.28 14.81
CA ASP B 329 24.15 -11.74 15.84
C ASP B 329 23.52 -10.52 16.52
N LEU B 330 24.32 -9.49 16.80
CA LEU B 330 23.79 -8.23 17.38
C LEU B 330 22.82 -7.56 16.39
N SER B 331 23.22 -7.41 15.13
CA SER B 331 22.39 -6.74 14.10
C SER B 331 21.07 -7.52 13.94
N ASN B 332 21.14 -8.86 13.82
CA ASN B 332 19.97 -9.73 13.60
C ASN B 332 19.00 -9.63 14.79
N LYS B 333 19.53 -9.73 16.00
CA LYS B 333 18.69 -9.78 17.21
C LYS B 333 18.03 -8.41 17.46
N ALA B 334 18.78 -7.33 17.28
CA ALA B 334 18.22 -5.97 17.36
C ALA B 334 17.13 -5.84 16.29
N SER B 335 17.37 -6.37 15.09
CA SER B 335 16.42 -6.28 13.96
C SER B 335 15.13 -7.01 14.34
N LEU B 336 15.29 -8.22 14.89
CA LEU B 336 14.11 -9.08 15.23
C LEU B 336 13.26 -8.36 16.29
N ALA B 337 13.91 -7.77 17.30
CA ALA B 337 13.20 -7.02 18.38
C ALA B 337 12.46 -5.83 17.76
N PHE B 338 13.13 -5.10 16.87
CA PHE B 338 12.51 -3.91 16.22
C PHE B 338 11.31 -4.36 15.38
N LEU B 339 11.48 -5.43 14.60
CA LEU B 339 10.39 -5.97 13.75
C LEU B 339 9.23 -6.43 14.64
N GLN B 340 9.49 -7.09 15.77
CA GLN B 340 8.36 -7.54 16.63
C GLN B 340 7.60 -6.31 17.13
N LYS B 341 8.32 -5.26 17.53
CA LYS B 341 7.69 -4.09 18.16
C LYS B 341 6.80 -3.36 17.16
N HIS B 342 7.20 -3.24 15.88
CA HIS B 342 6.46 -2.38 14.94
C HIS B 342 5.66 -3.18 13.91
N LEU B 343 5.84 -4.50 13.86
CA LEU B 343 4.93 -5.37 13.05
C LEU B 343 3.86 -5.98 13.95
N GLY B 344 4.06 -5.99 15.27
CA GLY B 344 3.11 -6.60 16.22
C GLY B 344 3.25 -8.11 16.27
N LEU B 345 4.47 -8.63 16.26
CA LEU B 345 4.63 -10.11 16.17
C LEU B 345 4.44 -10.72 17.54
N HIS B 346 4.01 -11.97 17.56
CA HIS B 346 3.71 -12.71 18.80
C HIS B 346 4.82 -13.72 18.99
N LYS B 347 6.02 -13.21 19.18
CA LYS B 347 7.21 -14.07 19.41
C LYS B 347 7.88 -13.55 20.69
N ASP B 348 9.07 -14.05 20.99
CA ASP B 348 9.82 -13.60 22.18
C ASP B 348 11.04 -12.79 21.75
N PHE B 349 10.93 -12.05 20.64
CA PHE B 349 12.02 -11.19 20.13
C PHE B 349 12.16 -9.97 21.03
N ASP B 350 11.10 -9.65 21.79
CA ASP B 350 11.14 -8.56 22.80
C ASP B 350 12.19 -8.88 23.88
N GLN B 351 12.79 -10.07 23.87
CA GLN B 351 13.90 -10.39 24.79
C GLN B 351 15.16 -9.57 24.43
N TRP B 352 15.25 -9.04 23.22
CA TRP B 352 16.44 -8.28 22.76
C TRP B 352 16.09 -6.79 22.64
N ASP B 353 15.05 -6.36 23.35
CA ASP B 353 14.62 -4.94 23.36
C ASP B 353 15.77 -4.03 23.75
N CYS B 354 16.64 -4.48 24.64
CA CYS B 354 17.79 -3.68 25.15
C CYS B 354 18.77 -3.38 24.00
N LEU B 355 18.89 -4.28 23.02
CA LEU B 355 19.79 -4.04 21.86
C LEU B 355 19.28 -2.85 21.07
N ILE B 356 17.97 -2.69 20.92
CA ILE B 356 17.42 -1.54 20.14
C ILE B 356 17.96 -0.25 20.75
N GLU B 357 18.16 -0.26 22.08
CA GLU B 357 18.65 0.90 22.86
C GLU B 357 20.19 0.94 22.90
N GLY B 358 20.88 -0.03 22.31
CA GLY B 358 22.36 -0.09 22.35
C GLY B 358 22.90 -0.46 23.73
N ASP B 359 22.08 -1.06 24.59
CA ASP B 359 22.50 -1.59 25.91
C ASP B 359 23.23 -2.91 25.73
N ASP B 360 24.51 -2.85 25.38
CA ASP B 360 25.40 -4.02 25.20
C ASP B 360 26.84 -3.49 25.17
N GLU B 361 27.78 -4.32 25.63
CA GLU B 361 29.23 -4.02 25.62
C GLU B 361 29.65 -3.65 24.19
N ASN B 362 29.11 -4.35 23.18
CA ASN B 362 29.55 -4.17 21.76
C ASN B 362 28.61 -3.22 21.01
N LEU B 363 27.76 -2.47 21.71
CA LEU B 363 26.86 -1.51 21.04
C LEU B 363 27.06 -0.11 21.61
N ILE B 364 26.88 0.87 20.74
CA ILE B 364 26.78 2.30 21.12
C ILE B 364 25.37 2.74 20.81
N PRO B 365 24.65 3.34 21.79
CA PRO B 365 23.37 3.97 21.49
C PRO B 365 23.55 5.17 20.56
N GLY B 366 22.70 5.28 19.54
CA GLY B 366 22.83 6.33 18.52
C GLY B 366 24.13 6.16 17.77
N THR B 367 24.96 7.20 17.76
CA THR B 367 26.26 7.17 17.08
C THR B 367 27.29 7.89 17.92
N ASN B 368 28.53 7.55 17.63
CA ASN B 368 29.82 8.15 18.06
C ASN B 368 29.96 9.58 17.55
N ILE B 369 29.49 9.80 16.34
CA ILE B 369 29.70 11.07 15.59
C ILE B 369 28.72 12.12 16.08
N ASN B 370 29.19 13.35 16.27
CA ASN B 370 28.33 14.46 16.78
C ASN B 370 27.97 15.40 15.64
N THR B 371 26.84 16.09 15.80
CA THR B 371 26.14 16.79 14.71
C THR B 371 25.52 18.12 15.21
#